data_3RF9
#
_entry.id   3RF9
#
_cell.length_a   72.152
_cell.length_b   80.406
_cell.length_c   312.242
_cell.angle_alpha   90.000
_cell.angle_beta   90.000
_cell.angle_gamma   90.000
#
_symmetry.space_group_name_H-M   'C 2 2 21'
#
loop_
_entity.id
_entity.type
_entity.pdbx_description
1 polymer 'Ribosomal RNA large subunit methyltransferase N'
2 non-polymer 'IRON/SULFUR CLUSTER'
3 non-polymer (4R)-2-METHYLPENTANE-2,4-DIOL
4 water water
#
_entity_poly.entity_id   1
_entity_poly.type   'polypeptide(L)'
_entity_poly.pdbx_seq_one_letter_code
;MSEQLVTPENVTTKDGKINLLDLNRQQMREFFKDLGEKPFRADQVMKWMYHYCCDNFDEMTDINKVLRGKLKEVAEIRAP
EVVEEQRSSDGTIKWAIAVGDQRVETVYIPEDDRATLCVSSQVGCALECKFCSTAQQGFNRNLRVSEIIGQVWRAAKIVG
AAKVTGQRPITNVVMMGMGEPLLNLNNVVPAMEIMLDDFGFGLSKRRVTLSTSGVVPALDKLGDMIDVALAISLHAPNDE
IRDEIVPINKKYNIETFLAAVRRYLEKSNANQGRVTIEYVMLDHVNDGTEHAHQLAELLKDTPCKINLIPWNPFPGAPYG
RSSNSRIDRFSKVLMSYGFTTIVRKTRGDDIDAACGQLAGDVIDRTKRTLRKRMQGEAIDIKAVGNSSSVDKLAAALEHH
HHHH
;
_entity_poly.pdbx_strand_id   A,B
#
loop_
_chem_comp.id
_chem_comp.type
_chem_comp.name
_chem_comp.formula
MRD non-polymer (4R)-2-METHYLPENTANE-2,4-DIOL 'C6 H14 O2'
SF4 non-polymer 'IRON/SULFUR CLUSTER' 'Fe4 S4'
#
# COMPACT_ATOMS: atom_id res chain seq x y z
N ASN A 10 -36.16 8.36 -24.99
CA ASN A 10 -37.23 7.51 -24.41
C ASN A 10 -37.23 7.56 -22.88
N VAL A 11 -38.41 7.73 -22.29
CA VAL A 11 -38.55 7.92 -20.85
C VAL A 11 -38.77 6.61 -20.07
N THR A 12 -39.51 5.68 -20.67
CA THR A 12 -39.87 4.43 -20.01
C THR A 12 -38.84 3.31 -20.29
N THR A 13 -39.08 2.14 -19.70
CA THR A 13 -38.24 0.97 -19.92
C THR A 13 -38.55 0.31 -21.26
N LYS A 14 -37.89 -0.83 -21.53
CA LYS A 14 -38.08 -1.56 -22.79
C LYS A 14 -39.48 -2.15 -22.97
N ASP A 15 -40.25 -2.21 -21.88
CA ASP A 15 -41.62 -2.75 -21.90
C ASP A 15 -42.70 -1.66 -21.78
N GLY A 16 -42.27 -0.39 -21.77
CA GLY A 16 -43.19 0.74 -21.61
C GLY A 16 -43.52 1.05 -20.16
N LYS A 17 -42.81 0.40 -19.24
CA LYS A 17 -43.07 0.55 -17.80
C LYS A 17 -42.18 1.61 -17.17
N ILE A 18 -42.62 2.11 -16.02
CA ILE A 18 -41.84 3.10 -15.28
C ILE A 18 -40.82 2.43 -14.37
N ASN A 19 -39.57 2.83 -14.51
CA ASN A 19 -38.50 2.37 -13.64
C ASN A 19 -38.56 3.16 -12.34
N LEU A 20 -38.89 2.47 -11.24
CA LEU A 20 -39.03 3.12 -9.94
C LEU A 20 -37.72 3.70 -9.40
N LEU A 21 -36.59 3.23 -9.94
CA LEU A 21 -35.28 3.79 -9.59
C LEU A 21 -35.06 5.19 -10.17
N ASP A 22 -35.97 5.66 -11.03
CA ASP A 22 -35.94 7.03 -11.52
C ASP A 22 -36.56 8.02 -10.56
N LEU A 23 -37.23 7.51 -9.53
CA LEU A 23 -38.09 8.35 -8.72
C LEU A 23 -37.58 8.59 -7.31
N ASN A 24 -37.48 9.87 -6.94
CA ASN A 24 -37.28 10.24 -5.54
C ASN A 24 -38.56 9.99 -4.74
N ARG A 25 -38.50 10.21 -3.43
CA ARG A 25 -39.62 9.90 -2.55
C ARG A 25 -40.93 10.58 -2.96
N GLN A 26 -40.89 11.89 -3.17
CA GLN A 26 -42.06 12.66 -3.58
C GLN A 26 -42.67 12.15 -4.89
N GLN A 27 -41.82 11.88 -5.89
CA GLN A 27 -42.27 11.38 -7.19
C GLN A 27 -42.84 9.97 -7.10
N MET A 28 -42.23 9.16 -6.24
CA MET A 28 -42.75 7.83 -5.92
C MET A 28 -44.17 7.92 -5.36
N ARG A 29 -44.39 8.85 -4.43
CA ARG A 29 -45.72 9.07 -3.84
C ARG A 29 -46.73 9.57 -4.87
N GLU A 30 -46.29 10.49 -5.74
CA GLU A 30 -47.15 11.04 -6.77
C GLU A 30 -47.57 9.98 -7.79
N PHE A 31 -46.63 9.11 -8.14
CA PHE A 31 -46.92 7.97 -9.02
C PHE A 31 -47.92 7.00 -8.40
N PHE A 32 -47.72 6.66 -7.11
CA PHE A 32 -48.64 5.78 -6.39
C PHE A 32 -50.05 6.39 -6.28
N LYS A 33 -50.10 7.71 -6.10
CA LYS A 33 -51.35 8.45 -6.06
C LYS A 33 -52.14 8.30 -7.37
N ASP A 34 -51.42 8.36 -8.49
CA ASP A 34 -52.01 8.14 -9.82
C ASP A 34 -52.53 6.71 -9.97
N LEU A 35 -51.87 5.77 -9.30
CA LEU A 35 -52.27 4.37 -9.28
C LEU A 35 -53.42 4.11 -8.30
N GLY A 36 -53.88 5.16 -7.62
CA GLY A 36 -54.95 5.05 -6.64
C GLY A 36 -54.48 4.54 -5.28
N GLU A 37 -53.21 4.78 -4.95
CA GLU A 37 -52.63 4.30 -3.70
C GLU A 37 -52.16 5.44 -2.78
N LYS A 38 -52.23 5.21 -1.48
CA LYS A 38 -51.84 6.20 -0.48
C LYS A 38 -50.32 6.31 -0.32
N PRO A 39 -49.81 7.47 0.15
CA PRO A 39 -48.37 7.72 0.25
C PRO A 39 -47.57 6.67 1.03
N PHE A 40 -48.17 6.06 2.05
CA PHE A 40 -47.47 5.06 2.86
C PHE A 40 -47.08 3.82 2.06
N ARG A 41 -47.82 3.54 0.99
CA ARG A 41 -47.52 2.40 0.11
C ARG A 41 -46.28 2.66 -0.73
N ALA A 42 -46.16 3.90 -1.22
CA ALA A 42 -44.96 4.32 -1.94
C ALA A 42 -43.72 4.22 -1.05
N ASP A 43 -43.82 4.72 0.18
CA ASP A 43 -42.73 4.63 1.17
C ASP A 43 -42.37 3.18 1.44
N GLN A 44 -43.39 2.35 1.61
CA GLN A 44 -43.23 0.92 1.87
C GLN A 44 -42.49 0.19 0.75
N VAL A 45 -42.84 0.48 -0.49
CA VAL A 45 -42.18 -0.14 -1.64
C VAL A 45 -40.76 0.41 -1.79
N MET A 46 -40.61 1.70 -1.56
CA MET A 46 -39.30 2.33 -1.56
C MET A 46 -38.36 1.64 -0.57
N LYS A 47 -38.85 1.41 0.65
CA LYS A 47 -38.06 0.72 1.69
C LYS A 47 -37.63 -0.68 1.25
N TRP A 48 -38.54 -1.44 0.67
CA TRP A 48 -38.23 -2.76 0.10
C TRP A 48 -37.10 -2.66 -0.92
N MET A 49 -37.22 -1.70 -1.83
CA MET A 49 -36.25 -1.49 -2.90
C MET A 49 -34.83 -1.24 -2.40
N TYR A 50 -34.71 -0.36 -1.40
CA TYR A 50 -33.39 0.10 -0.98
C TYR A 50 -32.85 -0.58 0.29
N HIS A 51 -33.69 -0.79 1.29
CA HIS A 51 -33.27 -1.46 2.53
C HIS A 51 -33.05 -2.97 2.33
N TYR A 52 -33.82 -3.57 1.44
CA TYR A 52 -33.73 -5.03 1.24
C TYR A 52 -33.25 -5.41 -0.16
N CYS A 53 -32.81 -4.41 -0.93
CA CYS A 53 -32.35 -4.60 -2.31
C CYS A 53 -33.26 -5.52 -3.12
N CYS A 54 -34.53 -5.15 -3.19
CA CYS A 54 -35.54 -5.92 -3.87
C CYS A 54 -35.90 -5.29 -5.21
N ASP A 55 -35.78 -6.07 -6.29
CA ASP A 55 -36.21 -5.64 -7.63
C ASP A 55 -37.35 -6.50 -8.18
N ASN A 56 -38.03 -7.18 -7.26
CA ASN A 56 -39.08 -8.13 -7.59
C ASN A 56 -40.30 -7.88 -6.71
N PHE A 57 -41.41 -7.50 -7.33
CA PHE A 57 -42.63 -7.20 -6.59
C PHE A 57 -43.21 -8.42 -5.86
N ASP A 58 -42.97 -9.61 -6.40
CA ASP A 58 -43.40 -10.86 -5.76
C ASP A 58 -42.78 -11.05 -4.37
N GLU A 59 -41.59 -10.48 -4.15
CA GLU A 59 -40.84 -10.66 -2.91
C GLU A 59 -41.25 -9.67 -1.82
N MET A 60 -42.09 -8.71 -2.16
CA MET A 60 -42.54 -7.70 -1.20
C MET A 60 -43.78 -8.24 -0.52
N THR A 61 -43.56 -9.08 0.49
CA THR A 61 -44.59 -9.94 1.04
C THR A 61 -45.62 -9.28 1.98
N ASP A 62 -45.39 -8.02 2.37
CA ASP A 62 -46.37 -7.30 3.19
C ASP A 62 -47.19 -6.27 2.38
N ILE A 63 -47.04 -6.29 1.06
CA ILE A 63 -47.88 -5.53 0.15
C ILE A 63 -49.00 -6.44 -0.38
N ASN A 64 -50.23 -5.94 -0.36
CA ASN A 64 -51.40 -6.70 -0.84
C ASN A 64 -51.30 -7.14 -2.30
N LYS A 65 -51.96 -8.26 -2.62
CA LYS A 65 -51.92 -8.84 -3.97
C LYS A 65 -52.30 -7.86 -5.07
N VAL A 66 -53.35 -7.07 -4.83
CA VAL A 66 -53.85 -6.12 -5.82
C VAL A 66 -52.82 -5.03 -6.18
N LEU A 67 -52.13 -4.48 -5.18
CA LEU A 67 -51.10 -3.48 -5.42
C LEU A 67 -49.93 -4.08 -6.19
N ARG A 68 -49.54 -5.29 -5.80
CA ARG A 68 -48.50 -6.04 -6.50
C ARG A 68 -48.86 -6.20 -7.98
N GLY A 69 -50.13 -6.55 -8.23
CA GLY A 69 -50.65 -6.67 -9.59
C GLY A 69 -50.54 -5.40 -10.41
N LYS A 70 -50.92 -4.29 -9.81
CA LYS A 70 -50.84 -2.98 -10.46
C LYS A 70 -49.40 -2.61 -10.84
N LEU A 71 -48.47 -2.81 -9.90
CA LEU A 71 -47.07 -2.43 -10.08
C LEU A 71 -46.39 -3.29 -11.15
N LYS A 72 -46.68 -4.58 -11.14
CA LYS A 72 -46.13 -5.50 -12.13
C LYS A 72 -46.49 -5.10 -13.55
N GLU A 73 -47.62 -4.39 -13.68
CA GLU A 73 -48.13 -3.99 -14.97
C GLU A 73 -47.58 -2.66 -15.49
N VAL A 74 -47.35 -1.70 -14.59
CA VAL A 74 -46.99 -0.34 -15.02
C VAL A 74 -45.57 0.07 -14.62
N ALA A 75 -44.89 -0.77 -13.86
CA ALA A 75 -43.59 -0.41 -13.29
C ALA A 75 -42.63 -1.57 -13.21
N GLU A 76 -41.35 -1.25 -13.02
CA GLU A 76 -40.35 -2.24 -12.65
C GLU A 76 -39.18 -1.61 -11.90
N ILE A 77 -38.32 -2.46 -11.36
CA ILE A 77 -37.09 -2.01 -10.71
C ILE A 77 -35.93 -2.59 -11.51
N ARG A 78 -35.35 -1.74 -12.36
CA ARG A 78 -34.30 -2.18 -13.28
C ARG A 78 -32.99 -1.43 -13.02
N ALA A 79 -32.09 -2.10 -12.31
CA ALA A 79 -30.78 -1.56 -12.04
C ALA A 79 -29.82 -1.99 -13.14
N PRO A 80 -28.89 -1.11 -13.52
CA PRO A 80 -27.87 -1.46 -14.50
C PRO A 80 -27.12 -2.73 -14.09
N GLU A 81 -26.81 -3.57 -15.07
CA GLU A 81 -26.15 -4.83 -14.81
C GLU A 81 -24.63 -4.72 -14.86
N VAL A 82 -23.96 -5.62 -14.15
CA VAL A 82 -22.50 -5.70 -14.16
C VAL A 82 -22.03 -6.39 -15.44
N VAL A 83 -21.15 -5.71 -16.18
CA VAL A 83 -20.49 -6.29 -17.33
C VAL A 83 -19.23 -7.04 -16.89
N GLU A 84 -18.41 -6.39 -16.07
CA GLU A 84 -17.17 -6.96 -15.59
C GLU A 84 -16.94 -6.63 -14.13
N GLU A 85 -16.55 -7.64 -13.35
CA GLU A 85 -16.18 -7.45 -11.96
C GLU A 85 -14.72 -7.88 -11.70
N GLN A 86 -13.93 -6.95 -11.16
CA GLN A 86 -12.55 -7.24 -10.76
C GLN A 86 -12.40 -7.03 -9.26
N ARG A 87 -11.99 -8.08 -8.56
CA ARG A 87 -11.86 -8.05 -7.11
C ARG A 87 -10.41 -7.98 -6.66
N SER A 88 -10.03 -6.82 -6.12
CA SER A 88 -8.68 -6.58 -5.59
C SER A 88 -8.41 -7.37 -4.31
N SER A 89 -7.13 -7.57 -4.01
CA SER A 89 -6.70 -8.25 -2.79
C SER A 89 -7.01 -7.45 -1.53
N ASP A 90 -6.92 -6.13 -1.62
CA ASP A 90 -7.14 -5.24 -0.47
C ASP A 90 -8.63 -5.01 -0.14
N GLY A 91 -9.52 -5.72 -0.83
CA GLY A 91 -10.96 -5.65 -0.56
C GLY A 91 -11.74 -4.85 -1.58
N THR A 92 -11.04 -3.99 -2.32
CA THR A 92 -11.64 -3.13 -3.35
C THR A 92 -12.28 -3.94 -4.47
N ILE A 93 -13.46 -3.50 -4.92
CA ILE A 93 -14.13 -4.10 -6.06
C ILE A 93 -14.39 -3.05 -7.14
N LYS A 94 -13.99 -3.37 -8.37
CA LYS A 94 -14.18 -2.49 -9.53
C LYS A 94 -15.18 -3.10 -10.50
N TRP A 95 -16.23 -2.34 -10.82
CA TRP A 95 -17.26 -2.83 -11.73
C TRP A 95 -17.36 -2.02 -13.02
N ALA A 96 -17.52 -2.73 -14.13
CA ALA A 96 -18.01 -2.12 -15.37
C ALA A 96 -19.51 -2.37 -15.42
N ILE A 97 -20.27 -1.31 -15.64
CA ILE A 97 -21.73 -1.36 -15.59
C ILE A 97 -22.36 -0.97 -16.93
N ALA A 98 -23.20 -1.84 -17.47
CA ALA A 98 -23.90 -1.58 -18.72
C ALA A 98 -25.04 -0.57 -18.52
N VAL A 99 -24.93 0.57 -19.20
CA VAL A 99 -25.98 1.57 -19.22
C VAL A 99 -26.48 1.69 -20.67
N GLY A 100 -27.61 1.04 -20.94
CA GLY A 100 -28.06 0.87 -22.32
C GLY A 100 -26.96 0.23 -23.14
N ASP A 101 -26.50 0.95 -24.16
CA ASP A 101 -25.43 0.49 -25.04
C ASP A 101 -24.03 0.84 -24.53
N GLN A 102 -23.98 1.79 -23.60
CA GLN A 102 -22.72 2.33 -23.10
C GLN A 102 -22.29 1.66 -21.79
N ARG A 103 -21.08 1.95 -21.33
CA ARG A 103 -20.56 1.39 -20.08
C ARG A 103 -19.97 2.47 -19.16
N VAL A 104 -20.15 2.28 -17.85
CA VAL A 104 -19.58 3.18 -16.83
C VAL A 104 -18.89 2.39 -15.71
N GLU A 105 -18.16 3.09 -14.85
CA GLU A 105 -17.45 2.43 -13.75
C GLU A 105 -18.02 2.76 -12.36
N THR A 106 -18.03 1.75 -11.50
CA THR A 106 -18.46 1.86 -10.12
C THR A 106 -17.43 1.14 -9.23
N VAL A 107 -16.94 1.84 -8.21
CA VAL A 107 -15.86 1.32 -7.37
C VAL A 107 -16.23 1.27 -5.89
N TYR A 108 -16.17 0.06 -5.31
CA TYR A 108 -16.42 -0.17 -3.91
C TYR A 108 -15.10 -0.25 -3.15
N ILE A 109 -14.90 0.68 -2.21
CA ILE A 109 -13.69 0.71 -1.38
C ILE A 109 -14.07 0.51 0.10
N PRO A 110 -13.78 -0.69 0.65
CA PRO A 110 -14.06 -0.98 2.05
C PRO A 110 -12.92 -0.59 2.98
N GLU A 111 -13.27 -0.23 4.21
CA GLU A 111 -12.27 0.14 5.22
C GLU A 111 -12.58 -0.51 6.57
N ASP A 112 -11.84 -0.08 7.60
CA ASP A 112 -11.98 -0.60 8.95
C ASP A 112 -13.28 -0.13 9.61
N ASP A 113 -13.72 1.07 9.24
CA ASP A 113 -14.93 1.69 9.81
C ASP A 113 -15.93 2.16 8.75
N ARG A 114 -15.49 2.14 7.48
CA ARG A 114 -16.26 2.69 6.36
C ARG A 114 -16.48 1.69 5.21
N ALA A 115 -17.44 2.02 4.36
CA ALA A 115 -17.59 1.40 3.05
C ALA A 115 -17.98 2.49 2.05
N THR A 116 -17.06 2.79 1.14
CA THR A 116 -17.20 3.92 0.21
C THR A 116 -17.44 3.47 -1.23
N LEU A 117 -18.52 3.97 -1.83
CA LEU A 117 -18.81 3.70 -3.23
C LEU A 117 -18.59 4.93 -4.10
N CYS A 118 -17.75 4.76 -5.13
CA CYS A 118 -17.52 5.80 -6.13
C CYS A 118 -18.48 5.56 -7.30
N VAL A 119 -19.15 6.64 -7.71
CA VAL A 119 -20.27 6.55 -8.63
C VAL A 119 -20.08 7.46 -9.86
N SER A 120 -20.35 6.92 -11.04
CA SER A 120 -20.33 7.72 -12.28
C SER A 120 -21.60 8.56 -12.46
N SER A 121 -21.42 9.75 -13.04
CA SER A 121 -22.51 10.69 -13.30
C SER A 121 -22.82 10.83 -14.80
N GLN A 122 -21.85 10.50 -15.65
CA GLN A 122 -21.98 10.61 -17.09
C GLN A 122 -21.34 9.43 -17.80
N VAL A 123 -21.70 9.22 -19.07
CA VAL A 123 -20.94 8.34 -19.94
C VAL A 123 -19.91 9.22 -20.63
N GLY A 124 -18.64 9.06 -20.26
CA GLY A 124 -17.57 9.92 -20.72
C GLY A 124 -17.63 11.31 -20.07
N CYS A 125 -16.87 12.25 -20.62
CA CYS A 125 -16.84 13.62 -20.10
C CYS A 125 -16.34 14.61 -21.15
N ALA A 126 -16.80 15.86 -21.06
CA ALA A 126 -16.43 16.90 -22.01
C ALA A 126 -15.36 17.88 -21.49
N LEU A 127 -14.85 17.63 -20.29
CA LEU A 127 -13.97 18.59 -19.63
C LEU A 127 -12.50 18.55 -20.07
N GLU A 128 -12.11 17.43 -20.69
CA GLU A 128 -10.80 17.27 -21.34
C GLU A 128 -9.59 17.45 -20.40
N CYS A 129 -9.77 17.08 -19.13
CA CYS A 129 -8.65 17.08 -18.19
C CYS A 129 -7.53 16.19 -18.73
N LYS A 130 -6.32 16.75 -18.78
CA LYS A 130 -5.21 16.13 -19.51
C LYS A 130 -4.60 14.90 -18.82
N PHE A 131 -4.93 14.71 -17.55
CA PHE A 131 -4.46 13.55 -16.79
C PHE A 131 -5.50 12.42 -16.72
N CYS A 132 -6.67 12.65 -17.34
CA CYS A 132 -7.84 11.76 -17.18
C CYS A 132 -7.99 10.76 -18.32
N SER A 133 -8.06 9.48 -17.95
CA SER A 133 -8.30 8.38 -18.88
C SER A 133 -9.71 8.44 -19.50
N THR A 134 -10.66 9.05 -18.80
CA THR A 134 -12.04 9.17 -19.28
C THR A 134 -12.20 10.28 -20.32
N ALA A 135 -11.35 11.30 -20.24
CA ALA A 135 -11.36 12.41 -21.19
C ALA A 135 -11.06 11.94 -22.61
N GLN A 136 -10.25 10.88 -22.72
CA GLN A 136 -9.92 10.25 -24.00
C GLN A 136 -11.13 10.06 -24.90
N GLN A 137 -12.13 9.34 -24.39
CA GLN A 137 -13.29 8.96 -25.21
C GLN A 137 -14.30 10.09 -25.41
N GLY A 138 -14.10 11.20 -24.71
CA GLY A 138 -15.00 12.36 -24.80
C GLY A 138 -16.38 12.10 -24.22
N PHE A 139 -17.29 13.04 -24.42
CA PHE A 139 -18.62 12.99 -23.82
C PHE A 139 -19.62 12.24 -24.70
N ASN A 140 -20.31 11.29 -24.09
CA ASN A 140 -21.35 10.53 -24.78
C ASN A 140 -22.75 11.02 -24.38
N ARG A 141 -23.11 10.84 -23.11
CA ARG A 141 -24.43 11.23 -22.61
C ARG A 141 -24.50 11.34 -21.09
N ASN A 142 -25.54 12.02 -20.62
CA ASN A 142 -25.86 12.08 -19.20
C ASN A 142 -26.52 10.79 -18.74
N LEU A 143 -26.10 10.29 -17.58
CA LEU A 143 -26.76 9.14 -16.96
C LEU A 143 -28.10 9.55 -16.38
N ARG A 144 -29.09 8.67 -16.48
CA ARG A 144 -30.41 8.91 -15.86
C ARG A 144 -30.33 8.63 -14.36
N VAL A 145 -31.31 9.12 -13.60
CA VAL A 145 -31.38 8.89 -12.16
C VAL A 145 -31.22 7.40 -11.85
N SER A 146 -32.02 6.57 -12.53
CA SER A 146 -31.98 5.11 -12.35
C SER A 146 -30.60 4.51 -12.62
N GLU A 147 -29.83 5.17 -13.48
CA GLU A 147 -28.49 4.70 -13.81
C GLU A 147 -27.44 5.16 -12.81
N ILE A 148 -27.77 6.21 -12.06
CA ILE A 148 -26.88 6.72 -11.01
C ILE A 148 -27.15 5.99 -9.68
N ILE A 149 -28.36 6.14 -9.15
CA ILE A 149 -28.75 5.41 -7.94
C ILE A 149 -28.70 3.90 -8.15
N GLY A 150 -28.88 3.47 -9.39
CA GLY A 150 -28.78 2.05 -9.75
C GLY A 150 -27.41 1.44 -9.51
N GLN A 151 -26.36 2.25 -9.68
CA GLN A 151 -24.99 1.83 -9.35
C GLN A 151 -24.88 1.51 -7.86
N VAL A 152 -25.49 2.35 -7.04
CA VAL A 152 -25.49 2.16 -5.59
C VAL A 152 -26.31 0.91 -5.25
N TRP A 153 -27.49 0.80 -5.85
CA TRP A 153 -28.36 -0.34 -5.64
C TRP A 153 -27.66 -1.64 -6.01
N ARG A 154 -27.00 -1.64 -7.17
CA ARG A 154 -26.28 -2.83 -7.65
C ARG A 154 -25.16 -3.24 -6.70
N ALA A 155 -24.31 -2.28 -6.34
CA ALA A 155 -23.21 -2.53 -5.41
C ALA A 155 -23.71 -3.09 -4.08
N ALA A 156 -24.82 -2.54 -3.58
CA ALA A 156 -25.41 -2.99 -2.32
C ALA A 156 -25.93 -4.42 -2.36
N LYS A 157 -26.52 -4.81 -3.49
CA LYS A 157 -27.01 -6.18 -3.65
C LYS A 157 -25.87 -7.19 -3.71
N ILE A 158 -24.78 -6.82 -4.40
CA ILE A 158 -23.63 -7.72 -4.53
C ILE A 158 -22.89 -7.87 -3.20
N VAL A 159 -22.49 -6.74 -2.61
CA VAL A 159 -21.79 -6.73 -1.33
C VAL A 159 -22.65 -7.39 -0.23
N GLY A 160 -23.91 -7.01 -0.14
CA GLY A 160 -24.84 -7.57 0.84
C GLY A 160 -24.67 -7.00 2.22
N ALA A 161 -25.62 -7.29 3.11
CA ALA A 161 -25.58 -6.82 4.49
C ALA A 161 -24.37 -7.40 5.23
N ALA A 162 -23.81 -6.60 6.14
CA ALA A 162 -22.66 -7.01 6.93
C ALA A 162 -22.99 -8.22 7.78
N LYS A 163 -22.02 -9.11 7.94
CA LYS A 163 -22.24 -10.36 8.67
C LYS A 163 -22.43 -10.11 10.17
N VAL A 164 -23.33 -10.89 10.76
CA VAL A 164 -23.72 -10.83 12.20
C VAL A 164 -24.40 -9.55 12.67
N THR A 165 -23.89 -8.38 12.27
CA THR A 165 -24.46 -7.09 12.66
C THR A 165 -25.69 -6.71 11.82
N GLY A 166 -25.73 -7.19 10.58
CA GLY A 166 -26.82 -6.89 9.66
C GLY A 166 -26.78 -5.46 9.11
N GLN A 167 -25.67 -4.77 9.36
CA GLN A 167 -25.50 -3.39 8.91
C GLN A 167 -25.50 -3.28 7.39
N ARG A 168 -26.02 -2.17 6.90
CA ARG A 168 -26.16 -1.94 5.46
C ARG A 168 -24.81 -1.71 4.77
N PRO A 169 -24.63 -2.30 3.58
CA PRO A 169 -23.34 -2.32 2.88
C PRO A 169 -22.70 -0.96 2.61
N ILE A 170 -23.50 0.04 2.22
CA ILE A 170 -22.96 1.36 1.85
C ILE A 170 -23.10 2.39 2.97
N THR A 171 -21.97 2.96 3.38
CA THR A 171 -21.96 4.02 4.40
C THR A 171 -21.55 5.37 3.82
N ASN A 172 -20.92 5.34 2.65
CA ASN A 172 -20.35 6.54 2.01
C ASN A 172 -20.50 6.48 0.50
N VAL A 173 -20.97 7.59 -0.10
CA VAL A 173 -21.01 7.70 -1.55
C VAL A 173 -20.29 8.95 -2.04
N VAL A 174 -19.44 8.77 -3.05
CA VAL A 174 -18.78 9.90 -3.69
C VAL A 174 -19.18 9.95 -5.18
N MET A 175 -19.72 11.10 -5.60
CA MET A 175 -19.94 11.37 -7.02
C MET A 175 -18.58 11.70 -7.62
N MET A 176 -17.82 10.64 -7.86
CA MET A 176 -16.45 10.74 -8.36
C MET A 176 -16.24 9.52 -9.26
N GLY A 177 -15.94 9.80 -10.51
CA GLY A 177 -15.74 8.76 -11.52
C GLY A 177 -15.92 9.35 -12.90
N MET A 178 -16.64 8.62 -13.73
CA MET A 178 -16.92 9.04 -15.09
C MET A 178 -17.82 10.28 -15.09
N GLY A 179 -17.30 11.40 -15.59
CA GLY A 179 -18.11 12.59 -15.86
C GLY A 179 -18.12 13.65 -14.79
N GLU A 180 -18.51 14.86 -15.18
CA GLU A 180 -18.63 15.99 -14.26
C GLU A 180 -20.07 16.10 -13.75
N PRO A 181 -20.28 15.79 -12.45
CA PRO A 181 -21.61 15.73 -11.85
C PRO A 181 -22.42 17.02 -12.01
N LEU A 182 -21.74 18.17 -12.00
CA LEU A 182 -22.42 19.46 -12.10
C LEU A 182 -22.95 19.80 -13.51
N LEU A 183 -22.54 19.02 -14.51
CA LEU A 183 -23.14 19.14 -15.83
C LEU A 183 -24.34 18.19 -15.99
N ASN A 184 -24.70 17.50 -14.90
CA ASN A 184 -25.87 16.61 -14.90
C ASN A 184 -26.76 16.79 -13.65
N LEU A 185 -27.02 18.05 -13.29
CA LEU A 185 -27.84 18.40 -12.13
C LEU A 185 -29.20 17.69 -12.09
N ASN A 186 -29.86 17.60 -13.25
CA ASN A 186 -31.21 17.04 -13.34
C ASN A 186 -31.31 15.59 -12.86
N ASN A 187 -30.20 14.86 -12.97
CA ASN A 187 -30.19 13.46 -12.60
C ASN A 187 -29.39 13.16 -11.33
N VAL A 188 -28.30 13.90 -11.12
CA VAL A 188 -27.44 13.74 -9.96
C VAL A 188 -28.17 14.15 -8.66
N VAL A 189 -28.90 15.25 -8.72
CA VAL A 189 -29.62 15.74 -7.54
C VAL A 189 -30.67 14.76 -7.00
N PRO A 190 -31.64 14.34 -7.85
CA PRO A 190 -32.63 13.38 -7.34
C PRO A 190 -31.98 12.09 -6.87
N ALA A 191 -30.92 11.66 -7.57
CA ALA A 191 -30.14 10.48 -7.16
C ALA A 191 -29.60 10.67 -5.75
N MET A 192 -28.99 11.82 -5.50
CA MET A 192 -28.47 12.14 -4.17
C MET A 192 -29.59 12.24 -3.12
N GLU A 193 -30.75 12.75 -3.53
CA GLU A 193 -31.92 12.81 -2.63
C GLU A 193 -32.34 11.42 -2.14
N ILE A 194 -32.26 10.42 -3.03
CA ILE A 194 -32.53 9.03 -2.65
C ILE A 194 -31.47 8.49 -1.68
N MET A 195 -30.21 8.82 -1.95
CA MET A 195 -29.09 8.46 -1.07
C MET A 195 -29.32 9.00 0.35
N LEU A 196 -29.76 10.25 0.43
CA LEU A 196 -30.04 10.96 1.70
C LEU A 196 -31.28 10.44 2.43
N ASP A 197 -32.24 9.94 1.66
CA ASP A 197 -33.56 9.62 2.19
C ASP A 197 -33.56 8.46 3.18
N ASP A 198 -34.31 8.61 4.28
CA ASP A 198 -34.52 7.53 5.25
C ASP A 198 -35.02 6.24 4.59
N PHE A 199 -35.87 6.38 3.57
CA PHE A 199 -36.45 5.25 2.85
C PHE A 199 -35.59 4.79 1.66
N GLY A 200 -34.52 5.54 1.40
CA GLY A 200 -33.51 5.15 0.42
C GLY A 200 -32.33 4.55 1.15
N PHE A 201 -31.15 5.13 0.96
CA PHE A 201 -29.94 4.61 1.58
C PHE A 201 -29.68 5.15 2.99
N GLY A 202 -30.45 6.16 3.39
CA GLY A 202 -30.40 6.71 4.76
C GLY A 202 -29.05 7.27 5.16
N LEU A 203 -28.34 7.84 4.20
CA LEU A 203 -27.01 8.37 4.44
C LEU A 203 -27.05 9.80 4.94
N SER A 204 -26.18 10.09 5.91
CA SER A 204 -25.94 11.47 6.32
C SER A 204 -25.48 12.30 5.13
N LYS A 205 -25.82 13.59 5.13
CA LYS A 205 -25.32 14.51 4.11
C LYS A 205 -23.79 14.65 4.15
N ARG A 206 -23.17 14.23 5.26
CA ARG A 206 -21.72 14.20 5.39
C ARG A 206 -21.12 12.96 4.74
N ARG A 207 -21.96 11.97 4.46
CA ARG A 207 -21.54 10.72 3.84
C ARG A 207 -21.89 10.67 2.33
N VAL A 208 -22.34 11.80 1.80
CA VAL A 208 -22.62 11.93 0.38
C VAL A 208 -21.80 13.10 -0.14
N THR A 209 -20.83 12.81 -0.99
CA THR A 209 -19.89 13.82 -1.47
C THR A 209 -19.98 13.97 -2.99
N LEU A 210 -20.15 15.22 -3.43
CA LEU A 210 -20.10 15.57 -4.83
C LEU A 210 -18.75 16.23 -5.12
N SER A 211 -18.01 15.62 -6.04
CA SER A 211 -16.71 16.15 -6.46
C SER A 211 -16.84 16.91 -7.77
N THR A 212 -16.25 18.11 -7.84
CA THR A 212 -16.38 18.96 -9.03
C THR A 212 -15.08 19.67 -9.43
N SER A 213 -14.91 19.84 -10.74
CA SER A 213 -13.79 20.60 -11.31
C SER A 213 -14.09 22.10 -11.43
N GLY A 214 -15.35 22.48 -11.18
CA GLY A 214 -15.69 23.88 -11.02
C GLY A 214 -16.56 24.55 -12.07
N VAL A 215 -17.66 23.89 -12.44
CA VAL A 215 -18.70 24.51 -13.25
C VAL A 215 -19.46 25.48 -12.34
N VAL A 216 -18.99 26.71 -12.28
CA VAL A 216 -19.44 27.72 -11.31
C VAL A 216 -20.96 27.99 -11.27
N PRO A 217 -21.59 28.27 -12.44
CA PRO A 217 -23.03 28.56 -12.40
C PRO A 217 -23.84 27.37 -11.86
N ALA A 218 -23.40 26.16 -12.16
CA ALA A 218 -24.06 24.94 -11.70
C ALA A 218 -23.86 24.72 -10.20
N LEU A 219 -22.68 25.10 -9.70
CA LEU A 219 -22.40 25.01 -8.26
C LEU A 219 -23.29 25.97 -7.47
N ASP A 220 -23.50 27.17 -8.01
CA ASP A 220 -24.44 28.14 -7.43
C ASP A 220 -25.83 27.53 -7.34
N LYS A 221 -26.27 26.92 -8.43
CA LYS A 221 -27.57 26.25 -8.47
C LYS A 221 -27.66 25.06 -7.51
N LEU A 222 -26.60 24.26 -7.45
CA LEU A 222 -26.56 23.10 -6.55
C LEU A 222 -26.89 23.46 -5.10
N GLY A 223 -26.28 24.55 -4.61
CA GLY A 223 -26.51 25.05 -3.26
C GLY A 223 -27.93 25.46 -2.94
N ASP A 224 -28.67 25.85 -3.98
CA ASP A 224 -30.08 26.18 -3.86
C ASP A 224 -30.95 24.93 -3.84
N MET A 225 -30.40 23.82 -4.33
CA MET A 225 -31.15 22.57 -4.53
C MET A 225 -31.00 21.54 -3.41
N ILE A 226 -29.78 21.39 -2.88
CA ILE A 226 -29.47 20.28 -1.98
C ILE A 226 -28.29 20.62 -1.05
N ASP A 227 -28.24 19.96 0.11
CA ASP A 227 -27.14 20.11 1.06
C ASP A 227 -26.35 18.80 1.10
N VAL A 228 -25.17 18.85 0.48
CA VAL A 228 -24.34 17.68 0.27
C VAL A 228 -22.88 18.12 0.47
N ALA A 229 -22.02 17.19 0.90
CA ALA A 229 -20.60 17.50 1.06
C ALA A 229 -19.95 17.74 -0.30
N LEU A 230 -19.12 18.78 -0.35
CA LEU A 230 -18.43 19.14 -1.59
C LEU A 230 -16.95 18.82 -1.53
N ALA A 231 -16.42 18.31 -2.64
CA ALA A 231 -14.99 18.13 -2.82
C ALA A 231 -14.55 18.81 -4.10
N ILE A 232 -13.31 19.31 -4.11
CA ILE A 232 -12.77 20.16 -5.17
C ILE A 232 -11.66 19.46 -5.95
N SER A 233 -11.83 19.38 -7.28
CA SER A 233 -10.75 18.90 -8.16
C SER A 233 -9.93 20.07 -8.68
N LEU A 234 -8.87 20.41 -7.96
CA LEU A 234 -8.08 21.60 -8.25
C LEU A 234 -6.86 21.31 -9.14
N HIS A 235 -5.97 20.44 -8.66
CA HIS A 235 -4.83 19.91 -9.43
C HIS A 235 -3.77 20.92 -9.89
N ALA A 236 -3.87 22.17 -9.44
CA ALA A 236 -2.94 23.22 -9.87
C ALA A 236 -2.88 24.38 -8.89
N PRO A 237 -1.70 25.02 -8.77
CA PRO A 237 -1.49 26.10 -7.79
C PRO A 237 -1.70 27.49 -8.37
N ASN A 238 -1.89 27.59 -9.68
CA ASN A 238 -2.12 28.86 -10.35
C ASN A 238 -2.90 28.67 -11.66
N ASP A 239 -3.40 29.76 -12.22
CA ASP A 239 -4.27 29.71 -13.40
C ASP A 239 -3.60 29.24 -14.68
N GLU A 240 -2.33 29.62 -14.89
CA GLU A 240 -1.62 29.23 -16.11
C GLU A 240 -1.36 27.71 -16.19
N ILE A 241 -1.05 27.10 -15.06
CA ILE A 241 -0.93 25.63 -14.99
C ILE A 241 -2.31 24.95 -15.09
N ARG A 242 -3.31 25.51 -14.40
CA ARG A 242 -4.66 24.90 -14.41
C ARG A 242 -5.36 25.00 -15.76
N ASP A 243 -5.21 26.13 -16.45
CA ASP A 243 -5.73 26.30 -17.82
C ASP A 243 -5.30 25.13 -18.71
N GLU A 244 -4.07 24.68 -18.51
CA GLU A 244 -3.49 23.56 -19.26
C GLU A 244 -4.06 22.21 -18.81
N ILE A 245 -3.91 21.89 -17.52
CA ILE A 245 -4.29 20.57 -17.01
C ILE A 245 -5.80 20.36 -16.91
N VAL A 246 -6.52 21.42 -16.52
CA VAL A 246 -7.96 21.37 -16.30
C VAL A 246 -8.64 22.50 -17.09
N PRO A 247 -8.85 22.30 -18.41
CA PRO A 247 -9.29 23.35 -19.36
C PRO A 247 -10.43 24.26 -18.89
N ILE A 248 -11.39 23.73 -18.14
CA ILE A 248 -12.56 24.50 -17.68
C ILE A 248 -12.16 25.75 -16.87
N ASN A 249 -10.92 25.74 -16.37
CA ASN A 249 -10.33 26.88 -15.68
C ASN A 249 -10.27 28.13 -16.56
N LYS A 250 -10.26 27.94 -17.87
CA LYS A 250 -10.30 29.04 -18.84
C LYS A 250 -11.66 29.76 -18.82
N LYS A 251 -12.71 28.98 -18.58
CA LYS A 251 -14.06 29.53 -18.41
C LYS A 251 -14.24 30.12 -17.00
N TYR A 252 -13.85 29.33 -16.00
CA TYR A 252 -13.94 29.77 -14.60
C TYR A 252 -12.60 29.55 -13.90
N ASN A 253 -11.89 30.65 -13.63
CA ASN A 253 -10.56 30.56 -13.02
C ASN A 253 -10.62 30.14 -11.54
N ILE A 254 -9.44 29.96 -10.95
CA ILE A 254 -9.34 29.49 -9.57
C ILE A 254 -10.09 30.36 -8.57
N GLU A 255 -9.96 31.68 -8.71
CA GLU A 255 -10.56 32.62 -7.76
C GLU A 255 -12.08 32.63 -7.82
N THR A 256 -12.62 32.49 -9.03
CA THR A 256 -14.07 32.42 -9.25
C THR A 256 -14.62 31.11 -8.71
N PHE A 257 -13.86 30.03 -8.93
CA PHE A 257 -14.20 28.72 -8.39
C PHE A 257 -14.25 28.76 -6.86
N LEU A 258 -13.16 29.20 -6.25
CA LEU A 258 -13.07 29.34 -4.78
C LEU A 258 -14.08 30.29 -4.18
N ALA A 259 -14.44 31.34 -4.93
CA ALA A 259 -15.49 32.27 -4.49
C ALA A 259 -16.84 31.55 -4.45
N ALA A 260 -17.10 30.74 -5.47
CA ALA A 260 -18.32 29.94 -5.54
C ALA A 260 -18.36 28.85 -4.46
N VAL A 261 -17.19 28.34 -4.08
CA VAL A 261 -17.08 27.39 -2.95
C VAL A 261 -17.58 28.05 -1.66
N ARG A 262 -17.10 29.27 -1.41
CA ARG A 262 -17.52 30.05 -0.25
C ARG A 262 -19.03 30.30 -0.23
N ARG A 263 -19.59 30.67 -1.39
CA ARG A 263 -21.04 30.88 -1.52
C ARG A 263 -21.83 29.61 -1.25
N TYR A 264 -21.32 28.47 -1.71
CA TYR A 264 -21.94 27.17 -1.46
C TYR A 264 -21.96 26.84 0.03
N LEU A 265 -20.83 27.11 0.68
CA LEU A 265 -20.66 26.87 2.11
C LEU A 265 -21.54 27.76 3.01
N GLU A 266 -22.04 28.87 2.45
CA GLU A 266 -22.98 29.72 3.17
C GLU A 266 -24.39 29.11 3.21
N LYS A 267 -24.66 28.21 2.27
CA LYS A 267 -25.97 27.56 2.16
C LYS A 267 -25.92 26.14 2.72
N SER A 268 -24.74 25.53 2.72
CA SER A 268 -24.58 24.13 3.07
C SER A 268 -23.55 23.95 4.17
N ASN A 269 -23.85 23.09 5.15
CA ASN A 269 -22.92 22.81 6.25
C ASN A 269 -22.47 21.35 6.37
N ALA A 270 -22.76 20.56 5.32
CA ALA A 270 -22.34 19.15 5.28
C ALA A 270 -20.82 18.96 5.42
N ASN A 271 -20.04 19.88 4.84
CA ASN A 271 -18.58 19.88 4.95
C ASN A 271 -18.06 20.27 6.32
N GLN A 272 -18.95 20.76 7.18
CA GLN A 272 -18.58 21.42 8.44
C GLN A 272 -17.52 22.50 8.18
N GLY A 273 -17.69 23.21 7.06
CA GLY A 273 -16.82 24.33 6.69
C GLY A 273 -15.55 23.97 5.95
N ARG A 274 -15.17 22.70 6.00
CA ARG A 274 -13.91 22.23 5.45
C ARG A 274 -14.13 21.45 4.14
N VAL A 275 -13.74 22.07 3.03
CA VAL A 275 -13.84 21.44 1.72
C VAL A 275 -12.62 20.55 1.48
N THR A 276 -12.86 19.36 0.92
CA THR A 276 -11.75 18.47 0.56
C THR A 276 -11.22 18.86 -0.81
N ILE A 277 -9.91 18.98 -0.92
CA ILE A 277 -9.27 19.42 -2.16
C ILE A 277 -8.37 18.34 -2.77
N GLU A 278 -8.73 17.91 -3.97
CA GLU A 278 -7.97 16.94 -4.74
C GLU A 278 -6.86 17.61 -5.56
N TYR A 279 -5.68 17.01 -5.50
CA TYR A 279 -4.51 17.53 -6.20
C TYR A 279 -3.68 16.36 -6.69
N VAL A 280 -3.86 16.03 -7.96
CA VAL A 280 -3.09 14.97 -8.60
C VAL A 280 -1.64 15.40 -8.76
N MET A 281 -0.71 14.50 -8.47
CA MET A 281 0.72 14.80 -8.54
C MET A 281 1.29 14.43 -9.90
N LEU A 282 1.71 15.45 -10.65
CA LEU A 282 2.20 15.27 -12.01
C LEU A 282 3.67 15.67 -12.11
N ASP A 283 4.50 14.71 -12.55
CA ASP A 283 5.97 14.86 -12.55
C ASP A 283 6.46 16.10 -13.29
N HIS A 284 7.06 17.02 -12.53
CA HIS A 284 7.62 18.28 -13.06
C HIS A 284 6.59 19.17 -13.76
N VAL A 285 5.32 18.97 -13.43
CA VAL A 285 4.24 19.78 -13.99
C VAL A 285 3.61 20.67 -12.92
N ASN A 286 3.28 20.08 -11.76
CA ASN A 286 2.59 20.80 -10.69
C ASN A 286 3.04 20.31 -9.31
N ASP A 287 4.22 19.70 -9.25
CA ASP A 287 4.64 18.96 -8.07
C ASP A 287 5.93 19.51 -7.45
N GLY A 288 6.34 20.69 -7.88
CA GLY A 288 7.54 21.35 -7.32
C GLY A 288 7.23 22.01 -5.99
N THR A 289 8.26 22.22 -5.17
CA THR A 289 8.11 22.90 -3.88
C THR A 289 7.55 24.31 -4.05
N GLU A 290 7.90 24.97 -5.15
CA GLU A 290 7.38 26.30 -5.46
C GLU A 290 5.87 26.28 -5.72
N HIS A 291 5.39 25.20 -6.35
CA HIS A 291 3.97 25.02 -6.59
C HIS A 291 3.22 24.81 -5.27
N ALA A 292 3.82 24.03 -4.37
CA ALA A 292 3.28 23.82 -3.02
C ALA A 292 3.22 25.11 -2.18
N HIS A 293 4.27 25.92 -2.24
CA HIS A 293 4.27 27.23 -1.57
C HIS A 293 3.19 28.14 -2.12
N GLN A 294 3.01 28.12 -3.45
CA GLN A 294 1.96 28.88 -4.11
C GLN A 294 0.56 28.34 -3.79
N LEU A 295 0.44 27.02 -3.68
CA LEU A 295 -0.83 26.37 -3.29
C LEU A 295 -1.25 26.79 -1.88
N ALA A 296 -0.28 26.83 -0.97
CA ALA A 296 -0.52 27.25 0.41
C ALA A 296 -1.05 28.69 0.48
N GLU A 297 -0.42 29.58 -0.27
CA GLU A 297 -0.88 30.97 -0.39
C GLU A 297 -2.28 31.06 -1.00
N LEU A 298 -2.54 30.23 -2.01
CA LEU A 298 -3.85 30.20 -2.67
C LEU A 298 -5.00 29.85 -1.72
N LEU A 299 -4.72 28.93 -0.79
CA LEU A 299 -5.75 28.34 0.06
C LEU A 299 -5.76 28.90 1.49
N LYS A 300 -5.05 30.01 1.70
CA LYS A 300 -4.97 30.65 3.02
C LYS A 300 -6.33 31.04 3.61
N ASP A 301 -7.31 31.31 2.75
CA ASP A 301 -8.66 31.71 3.18
C ASP A 301 -9.70 30.62 2.96
N THR A 302 -9.23 29.42 2.59
CA THR A 302 -10.11 28.29 2.29
C THR A 302 -9.86 27.14 3.29
N PRO A 303 -10.72 27.01 4.32
CA PRO A 303 -10.61 25.85 5.21
C PRO A 303 -10.76 24.56 4.43
N CYS A 304 -9.77 23.68 4.52
CA CYS A 304 -9.68 22.57 3.60
C CYS A 304 -8.89 21.39 4.14
N LYS A 305 -9.05 20.26 3.46
CA LYS A 305 -8.18 19.10 3.61
C LYS A 305 -7.63 18.81 2.22
N ILE A 306 -6.31 18.66 2.13
CA ILE A 306 -5.67 18.45 0.84
C ILE A 306 -5.34 16.98 0.60
N ASN A 307 -5.94 16.41 -0.44
CA ASN A 307 -5.65 15.05 -0.89
C ASN A 307 -4.64 15.07 -2.03
N LEU A 308 -3.41 14.69 -1.73
CA LEU A 308 -2.39 14.54 -2.75
C LEU A 308 -2.54 13.14 -3.36
N ILE A 309 -2.71 13.09 -4.68
CA ILE A 309 -2.97 11.83 -5.36
C ILE A 309 -1.78 11.36 -6.20
N PRO A 310 -1.16 10.25 -5.77
CA PRO A 310 -0.10 9.64 -6.58
C PRO A 310 -0.69 9.03 -7.85
N TRP A 311 -0.56 9.78 -8.95
CA TRP A 311 -1.21 9.47 -10.21
C TRP A 311 -0.33 8.59 -11.09
N ASN A 312 -0.93 7.54 -11.65
CA ASN A 312 -0.20 6.61 -12.50
C ASN A 312 -0.53 6.83 -13.98
N PRO A 313 0.52 6.89 -14.83
CA PRO A 313 0.31 7.07 -16.26
C PRO A 313 -0.35 5.86 -16.91
N PHE A 314 -1.18 6.14 -17.91
CA PHE A 314 -1.81 5.12 -18.74
C PHE A 314 -1.32 5.37 -20.17
N PRO A 315 -1.49 4.38 -21.08
CA PRO A 315 -1.05 4.60 -22.46
C PRO A 315 -1.74 5.82 -23.09
N GLY A 316 -0.95 6.79 -23.54
CA GLY A 316 -1.48 8.02 -24.11
C GLY A 316 -1.20 9.28 -23.30
N ALA A 317 -1.33 9.18 -21.97
CA ALA A 317 -1.15 10.30 -21.04
C ALA A 317 0.11 11.15 -21.30
N PRO A 318 -0.05 12.49 -21.33
CA PRO A 318 1.05 13.43 -21.58
C PRO A 318 2.02 13.64 -20.41
N TYR A 319 1.70 13.09 -19.24
CA TYR A 319 2.52 13.33 -18.04
C TYR A 319 3.09 12.06 -17.41
N GLY A 320 4.11 12.25 -16.58
CA GLY A 320 4.74 11.13 -15.86
C GLY A 320 4.35 11.00 -14.40
N ARG A 321 4.84 9.93 -13.78
CA ARG A 321 4.58 9.62 -12.38
C ARG A 321 5.52 10.42 -11.48
N SER A 322 4.95 11.22 -10.58
CA SER A 322 5.74 12.01 -9.63
C SER A 322 6.41 11.11 -8.62
N SER A 323 7.72 11.29 -8.44
CA SER A 323 8.53 10.47 -7.55
C SER A 323 8.11 10.66 -6.07
N ASN A 324 8.29 9.61 -5.28
CA ASN A 324 7.87 9.62 -3.87
C ASN A 324 8.47 10.74 -3.04
N SER A 325 9.75 11.04 -3.25
CA SER A 325 10.42 12.11 -2.51
C SER A 325 9.91 13.51 -2.91
N ARG A 326 9.59 13.70 -4.19
CA ARG A 326 8.98 14.95 -4.63
C ARG A 326 7.60 15.16 -4.02
N ILE A 327 6.82 14.08 -3.93
CA ILE A 327 5.49 14.11 -3.32
C ILE A 327 5.64 14.42 -1.83
N ASP A 328 6.61 13.77 -1.21
CA ASP A 328 6.90 13.97 0.20
C ASP A 328 7.28 15.43 0.49
N ARG A 329 8.19 15.98 -0.31
CA ARG A 329 8.61 17.39 -0.16
C ARG A 329 7.45 18.38 -0.36
N PHE A 330 6.58 18.08 -1.32
CA PHE A 330 5.36 18.85 -1.56
C PHE A 330 4.49 18.82 -0.31
N SER A 331 4.30 17.63 0.23
CA SER A 331 3.49 17.41 1.43
C SER A 331 4.05 18.16 2.63
N LYS A 332 5.37 18.15 2.78
CA LYS A 332 6.02 18.79 3.93
C LYS A 332 5.90 20.32 3.89
N VAL A 333 5.97 20.90 2.69
CA VAL A 333 5.69 22.34 2.53
C VAL A 333 4.27 22.66 3.03
N LEU A 334 3.28 21.90 2.58
CA LEU A 334 1.88 22.13 2.97
C LEU A 334 1.68 22.01 4.49
N MET A 335 2.29 20.98 5.08
CA MET A 335 2.20 20.74 6.52
C MET A 335 2.85 21.85 7.36
N SER A 336 3.90 22.46 6.83
CA SER A 336 4.59 23.55 7.52
C SER A 336 3.70 24.79 7.70
N TYR A 337 2.70 24.92 6.83
CA TYR A 337 1.72 25.99 6.94
C TYR A 337 0.54 25.63 7.84
N GLY A 338 0.50 24.37 8.29
CA GLY A 338 -0.57 23.90 9.17
C GLY A 338 -1.70 23.20 8.45
N PHE A 339 -1.56 22.99 7.14
CA PHE A 339 -2.59 22.31 6.36
C PHE A 339 -2.70 20.85 6.73
N THR A 340 -3.94 20.37 6.89
CA THR A 340 -4.16 18.94 7.01
C THR A 340 -4.06 18.39 5.59
N THR A 341 -3.06 17.55 5.38
CA THR A 341 -2.76 17.03 4.05
C THR A 341 -2.49 15.54 4.12
N ILE A 342 -3.05 14.81 3.17
CA ILE A 342 -2.96 13.36 3.12
C ILE A 342 -2.50 12.92 1.74
N VAL A 343 -1.50 12.03 1.71
CA VAL A 343 -1.14 11.36 0.48
C VAL A 343 -2.05 10.15 0.36
N ARG A 344 -3.02 10.24 -0.54
CA ARG A 344 -4.05 9.21 -0.67
C ARG A 344 -3.43 7.85 -1.03
N LYS A 345 -3.63 6.87 -0.15
CA LYS A 345 -3.15 5.51 -0.37
C LYS A 345 -3.89 4.90 -1.56
N THR A 346 -3.13 4.54 -2.59
CA THR A 346 -3.68 3.97 -3.81
C THR A 346 -4.30 2.59 -3.57
N ARG A 347 -5.53 2.40 -4.06
CA ARG A 347 -6.27 1.14 -3.87
C ARG A 347 -6.53 0.45 -5.21
N GLY A 348 -6.19 -0.82 -5.29
CA GLY A 348 -6.39 -1.60 -6.51
C GLY A 348 -5.10 -2.12 -7.12
N ASP A 349 -5.03 -3.43 -7.31
CA ASP A 349 -3.92 -4.10 -7.98
C ASP A 349 -4.36 -4.58 -9.36
N ASP A 350 -5.13 -3.73 -10.05
CA ASP A 350 -5.70 -4.06 -11.35
C ASP A 350 -4.86 -3.47 -12.49
N ASP A 361 -14.27 -4.57 -27.47
CA ASP A 361 -13.66 -4.53 -28.81
C ASP A 361 -14.70 -4.11 -29.84
N VAL A 362 -14.24 -3.61 -30.99
CA VAL A 362 -15.12 -3.08 -32.02
C VAL A 362 -15.92 -4.16 -32.77
N ILE A 363 -15.41 -5.38 -32.76
CA ILE A 363 -16.06 -6.50 -33.45
C ILE A 363 -16.96 -7.33 -32.52
N ASP A 364 -16.91 -7.04 -31.22
CA ASP A 364 -17.62 -7.82 -30.19
C ASP A 364 -19.13 -7.98 -30.38
N ARG A 365 -19.80 -6.94 -30.85
CA ARG A 365 -21.25 -6.96 -31.04
C ARG A 365 -21.66 -7.86 -32.21
N THR A 366 -20.91 -7.77 -33.31
CA THR A 366 -21.13 -8.62 -34.48
C THR A 366 -20.72 -10.06 -34.17
N LYS A 367 -19.65 -10.20 -33.39
CA LYS A 367 -19.21 -11.50 -32.85
C LYS A 367 -20.35 -12.15 -32.06
N ARG A 368 -21.03 -11.34 -31.24
CA ARG A 368 -22.15 -11.79 -30.41
C ARG A 368 -23.33 -12.29 -31.25
N THR A 369 -23.61 -11.61 -32.35
CA THR A 369 -24.69 -12.00 -33.27
C THR A 369 -24.36 -13.33 -33.95
N LEU A 370 -23.11 -13.46 -34.40
CA LEU A 370 -22.66 -14.67 -35.11
C LEU A 370 -22.55 -15.91 -34.21
N ARG A 371 -22.32 -15.69 -32.91
CA ARG A 371 -22.23 -16.79 -31.95
C ARG A 371 -23.62 -17.32 -31.58
N LYS A 372 -24.56 -16.42 -31.35
CA LYS A 372 -25.95 -16.77 -31.07
C LYS A 372 -26.56 -17.54 -32.25
N ARG A 373 -25.98 -17.34 -33.42
CA ARG A 373 -26.35 -18.05 -34.63
C ARG A 373 -25.82 -19.49 -34.60
N MET A 374 -24.66 -19.67 -33.97
CA MET A 374 -23.98 -20.95 -33.88
C MET A 374 -24.83 -21.98 -33.13
N LYS B 14 24.60 -2.48 31.49
CA LYS B 14 25.53 -1.62 32.28
C LYS B 14 25.06 -1.47 33.72
N ASP B 15 23.77 -1.25 33.91
CA ASP B 15 23.17 -1.08 35.23
C ASP B 15 22.91 -2.40 35.97
N GLY B 16 23.22 -3.52 35.31
CA GLY B 16 22.97 -4.84 35.87
C GLY B 16 21.53 -5.27 35.66
N LYS B 17 20.89 -4.68 34.64
CA LYS B 17 19.50 -4.97 34.33
C LYS B 17 19.38 -5.86 33.10
N ILE B 18 18.31 -6.66 33.06
CA ILE B 18 18.05 -7.57 31.93
C ILE B 18 17.50 -6.77 30.75
N ASN B 19 18.18 -6.84 29.61
CA ASN B 19 17.66 -6.25 28.38
C ASN B 19 16.58 -7.18 27.84
N LEU B 20 15.35 -6.69 27.81
CA LEU B 20 14.20 -7.51 27.42
C LEU B 20 14.21 -7.88 25.93
N LEU B 21 15.01 -7.15 25.15
CA LEU B 21 15.19 -7.46 23.72
C LEU B 21 16.05 -8.72 23.51
N ASP B 22 16.69 -9.19 24.57
CA ASP B 22 17.44 -10.45 24.54
C ASP B 22 16.55 -11.69 24.65
N LEU B 23 15.26 -11.48 24.94
CA LEU B 23 14.39 -12.59 25.35
C LEU B 23 13.31 -12.95 24.34
N ASN B 24 13.24 -14.22 23.97
CA ASN B 24 12.09 -14.73 23.20
C ASN B 24 10.85 -14.82 24.11
N ARG B 25 9.70 -15.16 23.53
CA ARG B 25 8.45 -15.19 24.29
C ARG B 25 8.54 -16.04 25.56
N GLN B 26 9.07 -17.26 25.43
CA GLN B 26 9.19 -18.16 26.57
C GLN B 26 10.12 -17.63 27.66
N GLN B 27 11.27 -17.10 27.27
CA GLN B 27 12.24 -16.53 28.20
C GLN B 27 11.68 -15.31 28.91
N MET B 28 10.88 -14.53 28.18
CA MET B 28 10.16 -13.39 28.73
C MET B 28 9.17 -13.84 29.82
N ARG B 29 8.38 -14.87 29.51
CA ARG B 29 7.44 -15.45 30.47
C ARG B 29 8.14 -16.00 31.70
N GLU B 30 9.29 -16.63 31.49
CA GLU B 30 10.07 -17.20 32.58
C GLU B 30 10.64 -16.12 33.49
N PHE B 31 11.07 -15.01 32.89
CA PHE B 31 11.59 -13.86 33.62
C PHE B 31 10.50 -13.21 34.46
N PHE B 32 9.32 -13.01 33.84
CA PHE B 32 8.18 -12.42 34.52
C PHE B 32 7.67 -13.30 35.65
N LYS B 33 7.79 -14.61 35.48
CA LYS B 33 7.45 -15.59 36.51
C LYS B 33 8.30 -15.38 37.76
N ASP B 34 9.58 -15.10 37.56
CA ASP B 34 10.51 -14.86 38.66
C ASP B 34 10.20 -13.53 39.38
N LEU B 35 9.61 -12.59 38.65
CA LEU B 35 9.14 -11.33 39.24
C LEU B 35 7.82 -11.51 39.99
N GLY B 36 7.29 -12.73 39.99
CA GLY B 36 6.02 -13.03 40.64
C GLY B 36 4.83 -12.54 39.84
N GLU B 37 4.99 -12.51 38.52
CA GLU B 37 3.92 -12.08 37.62
C GLU B 37 3.47 -13.22 36.71
N LYS B 38 2.19 -13.21 36.36
CA LYS B 38 1.61 -14.24 35.49
C LYS B 38 2.10 -14.06 34.06
N PRO B 39 2.14 -15.16 33.28
CA PRO B 39 2.65 -15.16 31.90
C PRO B 39 2.02 -14.12 30.97
N PHE B 40 0.76 -13.77 31.20
CA PHE B 40 0.05 -12.80 30.36
C PHE B 40 0.65 -11.40 30.42
N ARG B 41 1.27 -11.06 31.55
CA ARG B 41 1.93 -9.77 31.74
C ARG B 41 3.16 -9.65 30.84
N ALA B 42 3.87 -10.76 30.65
CA ALA B 42 5.00 -10.84 29.73
C ALA B 42 4.56 -10.62 28.28
N ASP B 43 3.48 -11.28 27.89
CA ASP B 43 2.91 -11.11 26.54
C ASP B 43 2.49 -9.66 26.32
N GLN B 44 1.88 -9.07 27.35
CA GLN B 44 1.43 -7.69 27.33
C GLN B 44 2.61 -6.72 27.10
N VAL B 45 3.69 -6.91 27.86
CA VAL B 45 4.86 -6.05 27.71
C VAL B 45 5.53 -6.26 26.35
N MET B 46 5.62 -7.52 25.93
CA MET B 46 6.17 -7.87 24.62
C MET B 46 5.41 -7.13 23.51
N LYS B 47 4.08 -7.14 23.60
CA LYS B 47 3.24 -6.42 22.64
C LYS B 47 3.58 -4.94 22.56
N TRP B 48 3.69 -4.28 23.71
CA TRP B 48 4.10 -2.87 23.75
C TRP B 48 5.45 -2.65 23.09
N MET B 49 6.40 -3.53 23.38
CA MET B 49 7.76 -3.45 22.84
C MET B 49 7.79 -3.52 21.31
N TYR B 50 7.05 -4.46 20.74
CA TYR B 50 7.20 -4.79 19.32
C TYR B 50 6.09 -4.25 18.42
N HIS B 51 4.88 -4.12 18.95
CA HIS B 51 3.77 -3.55 18.20
C HIS B 51 3.80 -2.02 18.20
N TYR B 52 4.33 -1.43 19.27
CA TYR B 52 4.38 0.03 19.40
C TYR B 52 5.79 0.61 19.52
N CYS B 53 6.79 -0.23 19.31
CA CYS B 53 8.20 0.19 19.40
C CYS B 53 8.46 1.06 20.63
N CYS B 54 7.93 0.62 21.77
CA CYS B 54 8.05 1.33 23.03
C CYS B 54 9.22 0.78 23.85
N ASP B 55 10.11 1.68 24.28
CA ASP B 55 11.22 1.31 25.15
C ASP B 55 11.15 2.01 26.52
N ASN B 56 9.95 2.46 26.87
CA ASN B 56 9.73 3.19 28.12
C ASN B 56 8.56 2.62 28.90
N PHE B 57 8.87 1.99 30.04
CA PHE B 57 7.85 1.33 30.85
C PHE B 57 6.72 2.27 31.29
N ASP B 58 7.03 3.56 31.44
CA ASP B 58 6.04 4.56 31.82
C ASP B 58 4.93 4.74 30.78
N GLU B 59 5.27 4.51 29.51
CA GLU B 59 4.32 4.66 28.41
C GLU B 59 3.34 3.49 28.30
N MET B 60 3.64 2.40 29.01
CA MET B 60 2.79 1.22 29.02
C MET B 60 1.63 1.41 30.00
N THR B 61 0.56 2.03 29.50
CA THR B 61 -0.52 2.54 30.34
C THR B 61 -1.42 1.47 30.99
N ASP B 62 -1.55 0.32 30.34
CA ASP B 62 -2.40 -0.76 30.87
C ASP B 62 -1.68 -1.68 31.87
N ILE B 63 -0.44 -1.32 32.21
CA ILE B 63 0.33 -1.99 33.24
C ILE B 63 0.31 -1.13 34.50
N ASN B 64 -0.03 -1.74 35.64
CA ASN B 64 -0.11 -1.02 36.91
C ASN B 64 1.25 -0.52 37.38
N LYS B 65 1.24 0.55 38.17
CA LYS B 65 2.45 1.23 38.62
C LYS B 65 3.45 0.33 39.35
N VAL B 66 2.93 -0.62 40.12
CA VAL B 66 3.76 -1.55 40.88
C VAL B 66 4.63 -2.42 39.97
N LEU B 67 4.00 -3.10 39.01
CA LEU B 67 4.73 -3.89 38.01
C LEU B 67 5.71 -3.01 37.23
N ARG B 68 5.26 -1.82 36.84
CA ARG B 68 6.10 -0.84 36.17
C ARG B 68 7.36 -0.55 36.98
N GLY B 69 7.18 -0.37 38.29
CA GLY B 69 8.28 -0.12 39.21
C GLY B 69 9.25 -1.27 39.29
N LYS B 70 8.71 -2.49 39.34
CA LYS B 70 9.52 -3.70 39.33
C LYS B 70 10.41 -3.75 38.09
N LEU B 71 9.80 -3.53 36.93
CA LEU B 71 10.48 -3.61 35.64
C LEU B 71 11.61 -2.59 35.49
N LYS B 72 11.35 -1.35 35.90
CA LYS B 72 12.37 -0.29 35.87
C LYS B 72 13.62 -0.61 36.69
N GLU B 73 13.48 -1.49 37.69
CA GLU B 73 14.56 -1.85 38.59
C GLU B 73 15.45 -2.97 38.06
N VAL B 74 14.83 -3.98 37.44
CA VAL B 74 15.55 -5.19 37.04
C VAL B 74 15.73 -5.33 35.52
N ALA B 75 15.08 -4.45 34.77
CA ALA B 75 15.01 -4.61 33.31
C ALA B 75 15.03 -3.29 32.57
N GLU B 76 15.36 -3.36 31.29
CA GLU B 76 15.28 -2.24 30.38
C GLU B 76 15.04 -2.74 28.96
N ILE B 77 14.66 -1.81 28.08
CA ILE B 77 14.50 -2.08 26.66
C ILE B 77 15.53 -1.21 25.95
N ARG B 78 16.68 -1.80 25.65
CA ARG B 78 17.81 -1.06 25.07
C ARG B 78 18.16 -1.60 23.69
N ALA B 79 17.72 -0.89 22.66
CA ALA B 79 18.06 -1.20 21.28
C ALA B 79 19.32 -0.43 20.91
N PRO B 80 20.12 -0.98 19.97
CA PRO B 80 21.30 -0.27 19.49
C PRO B 80 20.94 1.08 18.87
N GLU B 81 21.80 2.08 19.10
CA GLU B 81 21.54 3.44 18.64
C GLU B 81 22.15 3.71 17.27
N VAL B 82 21.53 4.64 16.54
CA VAL B 82 22.04 5.11 15.27
C VAL B 82 23.16 6.12 15.51
N VAL B 83 24.32 5.88 14.89
CA VAL B 83 25.44 6.83 14.94
C VAL B 83 25.61 7.55 13.60
N GLU B 84 25.03 6.98 12.55
CA GLU B 84 25.01 7.60 11.23
C GLU B 84 23.80 7.13 10.43
N GLU B 85 23.06 8.09 9.87
CA GLU B 85 21.97 7.80 8.95
C GLU B 85 22.27 8.42 7.59
N GLN B 86 22.15 7.61 6.54
CA GLN B 86 22.33 8.08 5.18
C GLN B 86 21.07 7.77 4.36
N ARG B 87 20.43 8.82 3.85
CA ARG B 87 19.20 8.68 3.07
C ARG B 87 19.45 8.91 1.58
N SER B 88 18.92 8.00 0.76
CA SER B 88 19.12 8.04 -0.70
C SER B 88 17.89 8.59 -1.43
N SER B 89 18.07 8.92 -2.71
CA SER B 89 17.01 9.42 -3.57
C SER B 89 15.80 8.48 -3.64
N ASP B 90 16.06 7.21 -3.94
CA ASP B 90 15.03 6.20 -4.18
C ASP B 90 14.26 5.78 -2.93
N GLY B 91 14.75 6.19 -1.76
CA GLY B 91 14.10 5.87 -0.48
C GLY B 91 14.90 4.95 0.42
N THR B 92 16.00 4.41 -0.09
CA THR B 92 16.88 3.52 0.68
C THR B 92 17.54 4.27 1.84
N ILE B 93 17.47 3.69 3.03
CA ILE B 93 18.15 4.24 4.19
C ILE B 93 19.25 3.29 4.67
N LYS B 94 20.45 3.82 4.87
CA LYS B 94 21.55 3.04 5.43
C LYS B 94 21.93 3.60 6.80
N TRP B 95 21.90 2.72 7.80
CA TRP B 95 22.26 3.10 9.15
C TRP B 95 23.58 2.45 9.58
N ALA B 96 24.41 3.24 10.25
CA ALA B 96 25.50 2.71 11.04
C ALA B 96 24.98 2.60 12.46
N ILE B 97 25.14 1.41 13.02
CA ILE B 97 24.53 1.08 14.30
C ILE B 97 25.62 0.80 15.33
N ALA B 98 25.53 1.49 16.48
CA ALA B 98 26.50 1.28 17.56
C ALA B 98 26.13 0.06 18.39
N VAL B 99 27.05 -0.91 18.43
CA VAL B 99 26.87 -2.11 19.25
C VAL B 99 28.02 -2.20 20.26
N GLY B 100 27.73 -1.81 21.49
CA GLY B 100 28.79 -1.56 22.48
C GLY B 100 29.72 -0.52 21.88
N ASP B 101 30.97 -0.90 21.67
CA ASP B 101 31.97 -0.01 21.10
C ASP B 101 32.31 -0.32 19.64
N GLN B 102 31.52 -1.20 19.03
CA GLN B 102 31.70 -1.58 17.63
C GLN B 102 30.56 -1.01 16.77
N ARG B 103 30.69 -1.16 15.45
CA ARG B 103 29.71 -0.66 14.48
C ARG B 103 29.23 -1.77 13.54
N VAL B 104 27.91 -1.83 13.30
CA VAL B 104 27.34 -2.71 12.26
C VAL B 104 26.43 -1.94 11.33
N GLU B 105 25.95 -2.61 10.29
CA GLU B 105 25.14 -1.95 9.27
C GLU B 105 23.72 -2.49 9.17
N THR B 106 22.77 -1.57 9.01
CA THR B 106 21.37 -1.92 8.84
C THR B 106 20.84 -1.11 7.66
N VAL B 107 20.15 -1.79 6.73
CA VAL B 107 19.70 -1.14 5.50
C VAL B 107 18.21 -1.37 5.26
N TYR B 108 17.50 -0.27 5.03
CA TYR B 108 16.07 -0.28 4.74
C TYR B 108 15.88 0.00 3.24
N ILE B 109 15.19 -0.91 2.55
CA ILE B 109 14.95 -0.78 1.12
C ILE B 109 13.45 -0.81 0.80
N PRO B 110 12.87 0.36 0.47
CA PRO B 110 11.44 0.39 0.19
C PRO B 110 11.10 0.04 -1.25
N GLU B 111 9.97 -0.62 -1.44
CA GLU B 111 9.41 -0.89 -2.76
C GLU B 111 7.91 -0.60 -2.70
N ASP B 112 7.25 -0.65 -3.85
CA ASP B 112 5.82 -0.34 -3.92
C ASP B 112 4.95 -1.36 -3.16
N ASP B 113 5.28 -2.64 -3.32
CA ASP B 113 4.51 -3.72 -2.70
C ASP B 113 5.15 -4.29 -1.42
N ARG B 114 6.37 -3.85 -1.10
CA ARG B 114 7.10 -4.35 0.08
C ARG B 114 8.13 -3.35 0.63
N ALA B 115 8.61 -3.63 1.83
CA ALA B 115 9.72 -2.89 2.42
C ALA B 115 10.63 -3.86 3.16
N THR B 116 11.90 -3.86 2.79
CA THR B 116 12.84 -4.89 3.24
C THR B 116 13.93 -4.33 4.16
N LEU B 117 14.16 -5.02 5.27
CA LEU B 117 15.27 -4.67 6.15
C LEU B 117 16.38 -5.71 6.11
N CYS B 118 17.57 -5.23 5.79
CA CYS B 118 18.78 -6.04 5.81
C CYS B 118 19.49 -5.85 7.15
N VAL B 119 19.66 -6.95 7.87
CA VAL B 119 20.15 -6.92 9.24
C VAL B 119 21.48 -7.66 9.36
N SER B 120 22.42 -7.07 10.11
CA SER B 120 23.71 -7.70 10.39
C SER B 120 23.60 -8.75 11.49
N SER B 121 24.45 -9.77 11.41
CA SER B 121 24.46 -10.87 12.36
C SER B 121 25.71 -10.87 13.23
N GLN B 122 26.76 -10.24 12.73
CA GLN B 122 28.07 -10.23 13.39
C GLN B 122 28.73 -8.86 13.31
N VAL B 123 29.68 -8.61 14.21
CA VAL B 123 30.59 -7.49 14.05
C VAL B 123 31.77 -8.03 13.25
N GLY B 124 31.86 -7.60 12.00
CA GLY B 124 32.85 -8.15 11.06
C GLY B 124 32.47 -9.55 10.61
N CYS B 125 33.39 -10.23 9.93
CA CYS B 125 33.17 -11.59 9.44
C CYS B 125 34.49 -12.34 9.25
N ALA B 126 34.44 -13.66 9.42
CA ALA B 126 35.62 -14.50 9.31
C ALA B 126 35.73 -15.22 7.95
N LEU B 127 34.72 -15.07 7.10
CA LEU B 127 34.63 -15.90 5.89
C LEU B 127 35.59 -15.53 4.75
N GLU B 128 36.13 -14.32 4.77
CA GLU B 128 37.16 -13.86 3.83
C GLU B 128 36.75 -13.89 2.35
N CYS B 129 35.47 -13.66 2.06
CA CYS B 129 35.02 -13.53 0.68
C CYS B 129 35.74 -12.35 0.03
N LYS B 130 36.34 -12.61 -1.13
CA LYS B 130 37.28 -11.66 -1.74
C LYS B 130 36.62 -10.39 -2.31
N PHE B 131 35.32 -10.44 -2.56
CA PHE B 131 34.58 -9.30 -3.09
C PHE B 131 33.97 -8.42 -1.99
N CYS B 132 34.15 -8.82 -0.74
CA CYS B 132 33.43 -8.24 0.40
C CYS B 132 34.28 -7.28 1.22
N SER B 133 33.80 -6.05 1.36
CA SER B 133 34.49 -5.02 2.16
C SER B 133 34.49 -5.29 3.66
N THR B 134 33.47 -6.00 4.15
CA THR B 134 33.40 -6.45 5.55
C THR B 134 34.52 -7.44 5.89
N ALA B 135 34.84 -8.32 4.93
CA ALA B 135 35.88 -9.33 5.08
C ALA B 135 37.24 -8.73 5.40
N GLN B 136 37.45 -7.50 4.95
CA GLN B 136 38.68 -6.74 5.21
C GLN B 136 38.91 -6.51 6.69
N GLN B 137 37.83 -6.24 7.42
CA GLN B 137 37.90 -6.00 8.87
C GLN B 137 38.31 -7.25 9.64
N GLY B 138 37.86 -8.41 9.17
CA GLY B 138 37.99 -9.65 9.93
C GLY B 138 36.87 -9.77 10.96
N PHE B 139 36.85 -10.90 11.67
CA PHE B 139 35.81 -11.18 12.66
C PHE B 139 36.15 -10.57 14.03
N ASN B 140 35.24 -9.76 14.55
CA ASN B 140 35.38 -9.23 15.90
C ASN B 140 34.60 -10.07 16.91
N ARG B 141 33.27 -10.04 16.81
CA ARG B 141 32.41 -10.80 17.72
C ARG B 141 31.02 -11.07 17.15
N ASN B 142 30.33 -12.04 17.75
CA ASN B 142 28.94 -12.28 17.45
C ASN B 142 28.06 -11.22 18.09
N LEU B 143 26.98 -10.87 17.38
CA LEU B 143 25.98 -9.97 17.94
C LEU B 143 25.08 -10.73 18.90
N ARG B 144 24.68 -10.06 19.97
CA ARG B 144 23.71 -10.60 20.92
C ARG B 144 22.30 -10.48 20.32
N VAL B 145 21.36 -11.26 20.86
CA VAL B 145 19.97 -11.22 20.41
C VAL B 145 19.41 -9.80 20.35
N SER B 146 19.63 -9.04 21.43
CA SER B 146 19.15 -7.66 21.52
C SER B 146 19.71 -6.79 20.41
N GLU B 147 20.94 -7.10 19.97
CA GLU B 147 21.61 -6.31 18.94
C GLU B 147 21.21 -6.69 17.52
N ILE B 148 20.55 -7.84 17.37
CA ILE B 148 19.99 -8.27 16.09
C ILE B 148 18.54 -7.83 15.99
N ILE B 149 17.69 -8.32 16.89
CA ILE B 149 16.29 -7.89 16.93
C ILE B 149 16.17 -6.38 17.13
N GLY B 150 17.16 -5.80 17.81
CA GLY B 150 17.20 -4.37 18.06
C GLY B 150 17.40 -3.53 16.81
N GLN B 151 17.97 -4.13 15.78
CA GLN B 151 18.13 -3.47 14.48
C GLN B 151 16.78 -3.32 13.80
N VAL B 152 15.94 -4.34 13.92
CA VAL B 152 14.58 -4.31 13.37
C VAL B 152 13.76 -3.28 14.15
N TRP B 153 13.80 -3.38 15.48
CA TRP B 153 13.11 -2.48 16.38
C TRP B 153 13.44 -1.00 16.08
N ARG B 154 14.73 -0.69 16.00
CA ARG B 154 15.19 0.68 15.79
C ARG B 154 14.77 1.22 14.42
N ALA B 155 14.90 0.38 13.39
CA ALA B 155 14.50 0.76 12.03
C ALA B 155 13.01 1.03 11.94
N ALA B 156 12.21 0.13 12.52
CA ALA B 156 10.76 0.28 12.55
C ALA B 156 10.32 1.53 13.31
N LYS B 157 11.07 1.90 14.34
CA LYS B 157 10.78 3.11 15.11
C LYS B 157 11.04 4.36 14.27
N ILE B 158 12.21 4.40 13.62
CA ILE B 158 12.60 5.53 12.78
C ILE B 158 11.67 5.69 11.57
N VAL B 159 11.39 4.57 10.90
CA VAL B 159 10.51 4.58 9.73
C VAL B 159 9.10 4.97 10.11
N GLY B 160 8.64 4.49 11.26
CA GLY B 160 7.32 4.82 11.78
C GLY B 160 7.18 6.24 12.28
N ALA B 161 8.14 6.67 13.12
CA ALA B 161 8.09 7.96 13.81
C ALA B 161 7.70 9.11 12.89
N ALA B 162 8.43 9.25 11.78
CA ALA B 162 8.09 10.17 10.70
C ALA B 162 8.82 9.70 9.45
N LYS B 163 8.11 9.38 8.35
CA LYS B 163 6.66 9.43 8.09
C LYS B 163 6.49 9.79 6.62
N VAL B 164 7.46 9.38 5.81
CA VAL B 164 7.60 9.85 4.44
C VAL B 164 6.88 8.99 3.39
N THR B 165 6.53 9.63 2.26
CA THR B 165 5.85 8.97 1.16
C THR B 165 6.72 7.86 0.56
N GLY B 166 6.13 6.68 0.40
CA GLY B 166 6.84 5.54 -0.17
C GLY B 166 7.36 4.58 0.87
N GLN B 167 7.93 5.10 1.96
CA GLN B 167 8.48 4.26 3.02
C GLN B 167 7.43 3.65 3.95
N ARG B 168 6.77 2.59 3.46
CA ARG B 168 5.82 1.81 4.26
C ARG B 168 6.54 1.02 5.36
N PRO B 169 5.79 0.51 6.35
CA PRO B 169 6.45 -0.30 7.38
C PRO B 169 7.14 -1.54 6.81
N ILE B 170 8.14 -2.03 7.54
CA ILE B 170 8.89 -3.23 7.17
C ILE B 170 7.98 -4.44 7.02
N THR B 171 8.06 -5.07 5.83
CA THR B 171 7.30 -6.28 5.55
C THR B 171 8.19 -7.52 5.56
N ASN B 172 9.46 -7.32 5.20
CA ASN B 172 10.42 -8.42 5.07
C ASN B 172 11.70 -8.13 5.83
N VAL B 173 12.24 -9.15 6.49
CA VAL B 173 13.57 -9.07 7.08
C VAL B 173 14.48 -10.13 6.49
N VAL B 174 15.69 -9.71 6.11
CA VAL B 174 16.72 -10.61 5.61
C VAL B 174 17.96 -10.55 6.50
N MET B 175 18.43 -11.71 6.96
CA MET B 175 19.72 -11.83 7.62
C MET B 175 20.79 -11.81 6.53
N MET B 176 21.13 -10.60 6.10
CA MET B 176 22.04 -10.34 5.00
C MET B 176 22.70 -9.01 5.28
N GLY B 177 23.98 -9.05 5.58
CA GLY B 177 24.73 -7.86 5.96
C GLY B 177 26.07 -8.28 6.52
N MET B 178 26.47 -7.63 7.60
CA MET B 178 27.72 -7.95 8.28
C MET B 178 27.62 -9.35 8.89
N GLY B 179 28.51 -10.23 8.44
CA GLY B 179 28.69 -11.52 9.08
C GLY B 179 27.93 -12.67 8.46
N GLU B 180 28.33 -13.88 8.84
CA GLU B 180 27.68 -15.11 8.39
C GLU B 180 26.72 -15.57 9.49
N PRO B 181 25.40 -15.50 9.22
CA PRO B 181 24.37 -15.79 10.21
C PRO B 181 24.47 -17.19 10.80
N LEU B 182 24.93 -18.15 10.02
CA LEU B 182 25.08 -19.53 10.49
C LEU B 182 26.24 -19.75 11.45
N LEU B 183 27.12 -18.76 11.57
CA LEU B 183 28.16 -18.79 12.61
C LEU B 183 27.72 -18.12 13.93
N ASN B 184 26.46 -17.67 13.97
CA ASN B 184 25.89 -17.03 15.18
C ASN B 184 24.49 -17.58 15.48
N LEU B 185 24.34 -18.90 15.36
CA LEU B 185 23.06 -19.57 15.50
C LEU B 185 22.37 -19.27 16.85
N ASN B 186 23.15 -19.27 17.92
CA ASN B 186 22.64 -19.04 19.28
C ASN B 186 21.94 -17.70 19.45
N ASN B 187 22.33 -16.71 18.67
CA ASN B 187 21.70 -15.39 18.73
C ASN B 187 20.77 -15.10 17.56
N VAL B 188 21.11 -15.61 16.38
CA VAL B 188 20.28 -15.42 15.17
C VAL B 188 18.91 -16.12 15.30
N VAL B 189 18.90 -17.34 15.81
CA VAL B 189 17.67 -18.13 15.93
C VAL B 189 16.60 -17.47 16.85
N PRO B 190 16.96 -17.12 18.10
CA PRO B 190 15.98 -16.43 18.94
C PRO B 190 15.52 -15.08 18.38
N ALA B 191 16.42 -14.38 17.68
CA ALA B 191 16.07 -13.11 17.05
C ALA B 191 14.99 -13.32 16.00
N MET B 192 15.18 -14.35 15.18
CA MET B 192 14.17 -14.70 14.18
C MET B 192 12.88 -15.19 14.82
N GLU B 193 12.98 -15.95 15.91
CA GLU B 193 11.79 -16.36 16.66
C GLU B 193 10.93 -15.16 17.07
N ILE B 194 11.57 -14.09 17.53
CA ILE B 194 10.88 -12.86 17.89
C ILE B 194 10.25 -12.17 16.66
N MET B 195 10.96 -12.18 15.54
CA MET B 195 10.42 -11.66 14.27
C MET B 195 9.14 -12.38 13.87
N LEU B 196 9.13 -13.69 14.05
CA LEU B 196 8.03 -14.57 13.65
C LEU B 196 6.83 -14.52 14.60
N ASP B 197 7.11 -14.30 15.87
CA ASP B 197 6.10 -14.42 16.94
C ASP B 197 4.97 -13.40 16.79
N ASP B 198 3.75 -13.85 17.06
CA ASP B 198 2.56 -12.97 17.10
C ASP B 198 2.74 -11.79 18.05
N PHE B 199 3.41 -12.02 19.17
CA PHE B 199 3.63 -10.96 20.17
C PHE B 199 4.92 -10.17 19.92
N GLY B 200 5.73 -10.65 18.97
CA GLY B 200 6.88 -9.91 18.47
C GLY B 200 6.46 -9.15 17.21
N PHE B 201 7.20 -9.33 16.12
CA PHE B 201 6.89 -8.62 14.89
C PHE B 201 5.84 -9.27 13.98
N GLY B 202 5.49 -10.51 14.29
CA GLY B 202 4.38 -11.20 13.62
C GLY B 202 4.59 -11.46 12.13
N LEU B 203 5.85 -11.50 11.72
CA LEU B 203 6.19 -11.71 10.32
C LEU B 203 5.97 -13.16 9.89
N SER B 204 5.46 -13.34 8.68
CA SER B 204 5.40 -14.66 8.06
C SER B 204 6.81 -15.24 7.91
N LYS B 205 6.91 -16.55 8.02
CA LYS B 205 8.18 -17.26 7.81
C LYS B 205 8.71 -17.10 6.39
N ARG B 206 7.81 -16.77 5.47
CA ARG B 206 8.15 -16.52 4.06
C ARG B 206 8.81 -15.14 3.91
N ARG B 207 8.66 -14.30 4.93
CA ARG B 207 9.19 -12.94 4.88
C ARG B 207 10.35 -12.73 5.85
N VAL B 208 10.82 -13.83 6.44
CA VAL B 208 12.05 -13.82 7.22
C VAL B 208 13.04 -14.73 6.51
N THR B 209 14.10 -14.14 5.98
CA THR B 209 15.03 -14.85 5.13
C THR B 209 16.44 -14.85 5.73
N LEU B 210 17.01 -16.04 5.90
CA LEU B 210 18.40 -16.17 6.29
C LEU B 210 19.24 -16.49 5.05
N SER B 211 20.21 -15.63 4.79
CA SER B 211 21.14 -15.80 3.68
C SER B 211 22.46 -16.38 4.21
N THR B 212 22.97 -17.40 3.54
CA THR B 212 24.21 -18.06 3.97
C THR B 212 25.16 -18.36 2.82
N SER B 213 26.46 -18.37 3.14
CA SER B 213 27.50 -18.73 2.17
C SER B 213 27.85 -20.22 2.23
N GLY B 214 27.25 -20.94 3.17
CA GLY B 214 27.36 -22.39 3.20
C GLY B 214 28.18 -23.01 4.31
N VAL B 215 27.80 -22.74 5.56
CA VAL B 215 28.30 -23.48 6.70
C VAL B 215 27.37 -24.68 6.89
N VAL B 216 27.77 -25.82 6.33
CA VAL B 216 26.89 -26.99 6.18
C VAL B 216 26.36 -27.60 7.49
N PRO B 217 27.23 -27.86 8.49
CA PRO B 217 26.72 -28.43 9.74
C PRO B 217 25.78 -27.49 10.48
N ALA B 218 25.99 -26.19 10.32
CA ALA B 218 25.13 -25.18 10.94
C ALA B 218 23.77 -25.09 10.22
N LEU B 219 23.77 -25.29 8.90
CA LEU B 219 22.52 -25.34 8.15
C LEU B 219 21.68 -26.55 8.54
N ASP B 220 22.32 -27.72 8.65
CA ASP B 220 21.65 -28.92 9.17
C ASP B 220 21.06 -28.65 10.55
N LYS B 221 21.79 -27.89 11.38
CA LYS B 221 21.33 -27.50 12.70
C LYS B 221 20.14 -26.54 12.62
N LEU B 222 20.24 -25.53 11.76
CA LEU B 222 19.18 -24.52 11.57
C LEU B 222 17.82 -25.15 11.29
N GLY B 223 17.81 -26.14 10.39
CA GLY B 223 16.58 -26.83 9.99
C GLY B 223 15.90 -27.61 11.09
N ASP B 224 16.67 -28.00 12.11
CA ASP B 224 16.13 -28.68 13.30
C ASP B 224 15.59 -27.68 14.33
N MET B 225 15.94 -26.40 14.16
CA MET B 225 15.61 -25.37 15.14
C MET B 225 14.44 -24.46 14.75
N ILE B 226 14.33 -24.16 13.46
CA ILE B 226 13.40 -23.12 13.00
C ILE B 226 13.02 -23.29 11.53
N ASP B 227 11.85 -22.78 11.15
CA ASP B 227 11.40 -22.77 9.76
C ASP B 227 11.36 -21.34 9.24
N VAL B 228 12.36 -21.02 8.43
CA VAL B 228 12.56 -19.68 7.90
C VAL B 228 13.00 -19.82 6.44
N ALA B 229 12.76 -18.80 5.63
CA ALA B 229 13.19 -18.81 4.22
C ALA B 229 14.71 -18.77 4.13
N LEU B 230 15.26 -19.55 3.20
CA LEU B 230 16.71 -19.62 2.98
C LEU B 230 17.12 -18.95 1.67
N ALA B 231 18.23 -18.22 1.73
CA ALA B 231 18.86 -17.68 0.53
C ALA B 231 20.32 -18.12 0.59
N ILE B 232 20.90 -18.39 -0.57
CA ILE B 232 22.29 -18.79 -0.58
C ILE B 232 23.19 -17.86 -1.39
N SER B 233 24.37 -17.60 -0.86
CA SER B 233 25.38 -16.80 -1.53
C SER B 233 26.31 -17.76 -2.25
N LEU B 234 26.05 -17.96 -3.53
CA LEU B 234 26.79 -18.92 -4.32
C LEU B 234 27.99 -18.25 -4.97
N HIS B 235 27.71 -17.33 -5.89
CA HIS B 235 28.70 -16.44 -6.51
C HIS B 235 29.70 -17.11 -7.47
N ALA B 236 29.52 -18.40 -7.75
CA ALA B 236 30.42 -19.13 -8.65
C ALA B 236 29.76 -20.37 -9.25
N PRO B 237 30.16 -20.74 -10.49
CA PRO B 237 29.60 -21.89 -11.19
C PRO B 237 30.34 -23.22 -10.98
N ASN B 238 31.55 -23.16 -10.41
CA ASN B 238 32.34 -24.36 -10.13
C ASN B 238 33.19 -24.20 -8.88
N ASP B 239 33.72 -25.32 -8.39
CA ASP B 239 34.49 -25.36 -7.14
C ASP B 239 35.84 -24.65 -7.20
N GLU B 240 36.50 -24.69 -8.34
CA GLU B 240 37.82 -24.03 -8.47
C GLU B 240 37.70 -22.51 -8.39
N ILE B 241 36.66 -21.96 -9.01
CA ILE B 241 36.38 -20.53 -8.92
C ILE B 241 35.85 -20.17 -7.52
N ARG B 242 34.98 -21.01 -6.96
CA ARG B 242 34.39 -20.73 -5.65
C ARG B 242 35.41 -20.78 -4.51
N ASP B 243 36.31 -21.77 -4.56
CA ASP B 243 37.42 -21.88 -3.61
C ASP B 243 38.21 -20.57 -3.50
N GLU B 244 38.30 -19.86 -4.62
CA GLU B 244 39.01 -18.60 -4.70
C GLU B 244 38.17 -17.43 -4.16
N ILE B 245 36.95 -17.30 -4.67
CA ILE B 245 36.07 -16.15 -4.39
C ILE B 245 35.40 -16.21 -3.00
N VAL B 246 35.02 -17.42 -2.59
CA VAL B 246 34.38 -17.63 -1.30
C VAL B 246 35.04 -18.84 -0.62
N PRO B 247 36.16 -18.59 0.10
CA PRO B 247 37.04 -19.61 0.68
C PRO B 247 36.35 -20.74 1.45
N ILE B 248 35.20 -20.46 2.09
CA ILE B 248 34.48 -21.50 2.84
C ILE B 248 34.14 -22.72 1.96
N ASN B 249 34.10 -22.50 0.65
CA ASN B 249 33.93 -23.59 -0.31
C ASN B 249 35.02 -24.67 -0.20
N LYS B 250 36.21 -24.28 0.26
CA LYS B 250 37.31 -25.21 0.58
C LYS B 250 36.92 -26.23 1.66
N LYS B 251 36.15 -25.79 2.64
CA LYS B 251 35.63 -26.66 3.69
C LYS B 251 34.42 -27.46 3.22
N TYR B 252 33.44 -26.76 2.64
CA TYR B 252 32.23 -27.40 2.12
C TYR B 252 31.99 -26.96 0.68
N ASN B 253 32.25 -27.86 -0.27
CA ASN B 253 32.13 -27.54 -1.69
C ASN B 253 30.68 -27.35 -2.15
N ILE B 254 30.50 -26.98 -3.42
CA ILE B 254 29.16 -26.64 -3.93
C ILE B 254 28.16 -27.78 -3.76
N GLU B 255 28.57 -28.99 -4.11
CA GLU B 255 27.66 -30.15 -4.03
C GLU B 255 27.25 -30.46 -2.60
N THR B 256 28.20 -30.34 -1.66
CA THR B 256 27.91 -30.52 -0.23
C THR B 256 26.93 -29.45 0.25
N PHE B 257 27.09 -28.24 -0.26
CA PHE B 257 26.23 -27.11 0.05
C PHE B 257 24.81 -27.36 -0.49
N LEU B 258 24.72 -27.73 -1.77
CA LEU B 258 23.43 -27.96 -2.42
C LEU B 258 22.64 -29.13 -1.83
N ALA B 259 23.35 -30.16 -1.38
CA ALA B 259 22.72 -31.29 -0.70
C ALA B 259 22.18 -30.87 0.67
N ALA B 260 22.91 -30.00 1.37
CA ALA B 260 22.45 -29.46 2.66
C ALA B 260 21.22 -28.57 2.50
N VAL B 261 21.20 -27.80 1.40
CA VAL B 261 20.03 -27.00 1.04
C VAL B 261 18.81 -27.92 0.89
N ARG B 262 19.01 -29.03 0.18
CA ARG B 262 17.94 -30.01 -0.02
C ARG B 262 17.44 -30.64 1.27
N ARG B 263 18.38 -30.94 2.18
CA ARG B 263 18.02 -31.46 3.51
C ARG B 263 17.25 -30.43 4.33
N TYR B 264 17.57 -29.15 4.15
CA TYR B 264 16.87 -28.06 4.84
C TYR B 264 15.43 -27.94 4.37
N LEU B 265 15.25 -28.02 3.05
CA LEU B 265 13.93 -27.96 2.41
C LEU B 265 13.04 -29.14 2.76
N GLU B 266 13.64 -30.23 3.23
CA GLU B 266 12.86 -31.38 3.70
C GLU B 266 12.19 -31.10 5.04
N LYS B 267 12.81 -30.22 5.84
CA LYS B 267 12.30 -29.86 7.16
C LYS B 267 11.51 -28.56 7.14
N SER B 268 11.79 -27.73 6.13
CA SER B 268 11.27 -26.36 6.07
C SER B 268 10.58 -26.09 4.75
N ASN B 269 9.42 -25.42 4.80
CA ASN B 269 8.69 -25.08 3.57
C ASN B 269 8.41 -23.58 3.38
N ALA B 270 9.15 -22.74 4.11
CA ALA B 270 9.03 -21.28 3.99
C ALA B 270 9.38 -20.76 2.59
N ASN B 271 10.33 -21.44 1.94
CA ASN B 271 10.74 -21.13 0.58
C ASN B 271 9.74 -21.56 -0.48
N GLN B 272 8.80 -22.43 -0.09
CA GLN B 272 7.91 -23.12 -1.03
C GLN B 272 8.72 -23.88 -2.10
N GLY B 273 9.83 -24.49 -1.64
CA GLY B 273 10.70 -25.29 -2.48
C GLY B 273 11.77 -24.54 -3.26
N ARG B 274 11.63 -23.22 -3.34
CA ARG B 274 12.45 -22.38 -4.22
C ARG B 274 13.39 -21.48 -3.44
N VAL B 275 14.68 -21.77 -3.50
CA VAL B 275 15.69 -20.92 -2.84
C VAL B 275 16.13 -19.79 -3.74
N THR B 276 16.38 -18.63 -3.15
CA THR B 276 16.99 -17.53 -3.87
C THR B 276 18.50 -17.76 -3.90
N ILE B 277 19.11 -17.59 -5.08
CA ILE B 277 20.53 -17.80 -5.26
C ILE B 277 21.21 -16.49 -5.65
N GLU B 278 22.16 -16.08 -4.81
CA GLU B 278 22.85 -14.81 -4.97
C GLU B 278 24.11 -15.02 -5.80
N TYR B 279 24.38 -14.09 -6.71
CA TYR B 279 25.51 -14.21 -7.63
C TYR B 279 26.07 -12.84 -8.01
N VAL B 280 27.15 -12.44 -7.35
CA VAL B 280 27.83 -11.18 -7.70
C VAL B 280 28.56 -11.35 -9.03
N MET B 281 28.48 -10.32 -9.86
CA MET B 281 29.11 -10.34 -11.18
C MET B 281 30.48 -9.67 -11.06
N LEU B 282 31.51 -10.45 -11.32
CA LEU B 282 32.89 -10.00 -11.16
C LEU B 282 33.62 -10.03 -12.50
N ASP B 283 34.11 -8.87 -12.93
CA ASP B 283 34.70 -8.70 -14.25
C ASP B 283 35.72 -9.79 -14.60
N HIS B 284 35.35 -10.61 -15.59
CA HIS B 284 36.23 -11.67 -16.14
C HIS B 284 36.66 -12.73 -15.12
N VAL B 285 35.90 -12.84 -14.04
CA VAL B 285 36.16 -13.83 -13.01
C VAL B 285 35.10 -14.93 -13.05
N ASN B 286 33.84 -14.52 -13.07
CA ASN B 286 32.70 -15.46 -13.00
C ASN B 286 31.51 -15.06 -13.88
N ASP B 287 31.74 -14.14 -14.81
CA ASP B 287 30.66 -13.46 -15.53
C ASP B 287 30.60 -13.81 -17.03
N GLY B 288 31.37 -14.81 -17.45
CA GLY B 288 31.40 -15.22 -18.86
C GLY B 288 30.24 -16.12 -19.23
N THR B 289 29.93 -16.21 -20.53
CA THR B 289 28.85 -17.08 -21.01
C THR B 289 29.08 -18.53 -20.62
N GLU B 290 30.33 -18.97 -20.63
CA GLU B 290 30.68 -20.34 -20.23
C GLU B 290 30.37 -20.59 -18.76
N HIS B 291 30.52 -19.56 -17.93
CA HIS B 291 30.18 -19.64 -16.51
C HIS B 291 28.67 -19.81 -16.33
N ALA B 292 27.91 -19.02 -17.07
CA ALA B 292 26.46 -19.12 -17.06
C ALA B 292 25.93 -20.50 -17.49
N HIS B 293 26.51 -21.08 -18.55
CA HIS B 293 26.12 -22.43 -19.00
C HIS B 293 26.45 -23.49 -17.96
N GLN B 294 27.60 -23.33 -17.31
CA GLN B 294 28.01 -24.19 -16.21
C GLN B 294 27.09 -24.03 -14.99
N LEU B 295 26.68 -22.79 -14.72
CA LEU B 295 25.75 -22.52 -13.62
C LEU B 295 24.39 -23.19 -13.84
N ALA B 296 23.88 -23.09 -15.07
CA ALA B 296 22.60 -23.68 -15.44
C ALA B 296 22.62 -25.20 -15.22
N GLU B 297 23.72 -25.84 -15.62
CA GLU B 297 23.91 -27.28 -15.41
C GLU B 297 23.98 -27.65 -13.94
N LEU B 298 24.74 -26.86 -13.17
CA LEU B 298 24.85 -27.04 -11.74
C LEU B 298 23.50 -26.97 -11.02
N LEU B 299 22.62 -26.07 -11.48
CA LEU B 299 21.37 -25.79 -10.79
C LEU B 299 20.14 -26.51 -11.38
N LYS B 300 20.38 -27.49 -12.25
CA LYS B 300 19.29 -28.20 -12.94
C LYS B 300 18.38 -28.98 -11.99
N ASP B 301 18.90 -29.34 -10.81
CA ASP B 301 18.15 -30.13 -9.82
C ASP B 301 17.75 -29.35 -8.56
N THR B 302 18.03 -28.04 -8.56
CA THR B 302 17.62 -27.19 -7.43
C THR B 302 16.70 -26.05 -7.85
N PRO B 303 15.40 -26.17 -7.52
CA PRO B 303 14.42 -25.11 -7.80
C PRO B 303 14.90 -23.78 -7.23
N CYS B 304 14.96 -22.75 -8.07
CA CYS B 304 15.56 -21.51 -7.64
C CYS B 304 15.08 -20.27 -8.39
N LYS B 305 15.37 -19.13 -7.81
CA LYS B 305 15.36 -17.85 -8.50
C LYS B 305 16.79 -17.31 -8.37
N ILE B 306 17.36 -16.85 -9.48
CA ILE B 306 18.74 -16.39 -9.49
C ILE B 306 18.83 -14.87 -9.53
N ASN B 307 19.48 -14.29 -8.52
CA ASN B 307 19.72 -12.85 -8.47
C ASN B 307 21.15 -12.49 -8.86
N LEU B 308 21.31 -11.98 -10.08
CA LEU B 308 22.60 -11.50 -10.55
C LEU B 308 22.83 -10.10 -10.01
N ILE B 309 23.98 -9.91 -9.36
CA ILE B 309 24.24 -8.69 -8.61
C ILE B 309 25.35 -7.87 -9.26
N PRO B 310 25.01 -6.68 -9.79
CA PRO B 310 26.01 -5.77 -10.37
C PRO B 310 26.88 -5.18 -9.27
N TRP B 311 27.96 -5.89 -8.96
CA TRP B 311 28.85 -5.58 -7.86
C TRP B 311 29.76 -4.39 -8.17
N ASN B 312 29.89 -3.50 -7.20
CA ASN B 312 30.76 -2.32 -7.31
C ASN B 312 32.03 -2.46 -6.50
N PRO B 313 33.18 -2.13 -7.12
CA PRO B 313 34.45 -2.22 -6.40
C PRO B 313 34.58 -1.13 -5.32
N PHE B 314 35.34 -1.45 -4.28
CA PHE B 314 35.70 -0.50 -3.23
C PHE B 314 37.23 -0.37 -3.25
N PRO B 315 37.79 0.64 -2.56
CA PRO B 315 39.25 0.76 -2.53
C PRO B 315 39.92 -0.51 -1.99
N GLY B 316 40.75 -1.13 -2.81
CA GLY B 316 41.46 -2.35 -2.41
C GLY B 316 40.85 -3.65 -2.89
N ALA B 317 39.63 -3.58 -3.43
CA ALA B 317 38.96 -4.76 -4.01
C ALA B 317 39.79 -5.36 -5.15
N PRO B 318 40.00 -6.68 -5.12
CA PRO B 318 40.80 -7.36 -6.15
C PRO B 318 40.09 -7.48 -7.52
N TYR B 319 38.82 -7.12 -7.59
CA TYR B 319 38.03 -7.29 -8.81
C TYR B 319 37.46 -5.99 -9.35
N GLY B 320 37.10 -6.01 -10.63
CA GLY B 320 36.42 -4.88 -11.28
C GLY B 320 34.95 -5.19 -11.49
N ARG B 321 34.19 -4.16 -11.86
CA ARG B 321 32.76 -4.32 -12.16
C ARG B 321 32.61 -5.01 -13.50
N SER B 322 31.70 -5.98 -13.56
CA SER B 322 31.33 -6.59 -14.83
C SER B 322 30.50 -5.60 -15.64
N SER B 323 30.85 -5.44 -16.91
CA SER B 323 30.10 -4.57 -17.82
C SER B 323 28.65 -5.01 -17.92
N ASN B 324 27.77 -4.06 -18.24
CA ASN B 324 26.34 -4.34 -18.38
C ASN B 324 26.00 -5.32 -19.50
N SER B 325 26.78 -5.29 -20.59
CA SER B 325 26.54 -6.19 -21.71
C SER B 325 26.94 -7.62 -21.39
N ARG B 326 27.98 -7.79 -20.58
CA ARG B 326 28.37 -9.12 -20.10
C ARG B 326 27.33 -9.70 -19.14
N ILE B 327 26.80 -8.87 -18.25
CA ILE B 327 25.74 -9.25 -17.31
C ILE B 327 24.46 -9.64 -18.08
N ASP B 328 24.15 -8.87 -19.12
CA ASP B 328 23.00 -9.13 -19.98
C ASP B 328 23.10 -10.48 -20.70
N ARG B 329 24.27 -10.78 -21.28
CA ARG B 329 24.48 -12.06 -21.96
C ARG B 329 24.43 -13.24 -20.99
N PHE B 330 24.93 -13.03 -19.78
CA PHE B 330 24.90 -14.03 -18.70
C PHE B 330 23.45 -14.34 -18.34
N SER B 331 22.66 -13.29 -18.16
CA SER B 331 21.24 -13.39 -17.84
C SER B 331 20.46 -14.16 -18.91
N LYS B 332 20.75 -13.85 -20.18
CA LYS B 332 20.04 -14.48 -21.29
C LYS B 332 20.33 -15.97 -21.39
N VAL B 333 21.59 -16.36 -21.19
CA VAL B 333 21.94 -17.78 -21.13
C VAL B 333 21.05 -18.53 -20.12
N LEU B 334 20.97 -18.00 -18.90
CA LEU B 334 20.19 -18.63 -17.83
C LEU B 334 18.71 -18.70 -18.17
N MET B 335 18.18 -17.63 -18.77
CA MET B 335 16.78 -17.59 -19.20
C MET B 335 16.47 -18.59 -20.30
N SER B 336 17.47 -18.90 -21.14
CA SER B 336 17.28 -19.89 -22.21
C SER B 336 17.03 -21.30 -21.65
N TYR B 337 17.48 -21.54 -20.43
CA TYR B 337 17.22 -22.81 -19.74
C TYR B 337 15.92 -22.76 -18.93
N GLY B 338 15.31 -21.58 -18.85
CA GLY B 338 14.04 -21.43 -18.14
C GLY B 338 14.16 -20.98 -16.70
N PHE B 339 15.37 -20.59 -16.28
CA PHE B 339 15.56 -20.08 -14.92
C PHE B 339 14.92 -18.72 -14.75
N THR B 340 14.26 -18.53 -13.61
CA THR B 340 13.82 -17.21 -13.21
C THR B 340 15.08 -16.47 -12.76
N THR B 341 15.46 -15.46 -13.53
CA THR B 341 16.66 -14.68 -13.23
C THR B 341 16.38 -13.19 -13.26
N ILE B 342 16.96 -12.49 -12.29
CA ILE B 342 16.76 -11.06 -12.12
C ILE B 342 18.11 -10.38 -11.96
N VAL B 343 18.33 -9.31 -12.72
CA VAL B 343 19.47 -8.43 -12.48
C VAL B 343 19.02 -7.42 -11.44
N ARG B 344 19.49 -7.60 -10.22
CA ARG B 344 19.02 -6.82 -9.07
C ARG B 344 19.35 -5.34 -9.22
N LYS B 345 18.31 -4.51 -9.20
CA LYS B 345 18.47 -3.07 -9.25
C LYS B 345 19.26 -2.61 -8.03
N THR B 346 20.46 -2.09 -8.28
CA THR B 346 21.31 -1.54 -7.22
C THR B 346 20.61 -0.38 -6.52
N ARG B 347 20.66 -0.37 -5.20
CA ARG B 347 19.98 0.67 -4.41
C ARG B 347 20.97 1.51 -3.61
N GLY B 348 20.69 2.82 -3.55
CA GLY B 348 21.53 3.75 -2.80
C GLY B 348 22.81 4.14 -3.51
N ASP B 349 23.37 5.27 -3.09
CA ASP B 349 24.64 5.77 -3.62
C ASP B 349 25.52 6.25 -2.46
N ASP B 350 25.71 5.37 -1.48
CA ASP B 350 26.42 5.69 -0.25
C ASP B 350 27.54 4.69 0.00
N ASP B 361 38.24 10.04 11.96
CA ASP B 361 39.62 10.44 12.17
C ASP B 361 40.16 9.83 13.48
N VAL B 362 41.48 9.86 13.64
CA VAL B 362 42.16 9.21 14.76
C VAL B 362 42.52 10.17 15.92
N ILE B 363 42.73 11.45 15.58
CA ILE B 363 43.09 12.47 16.56
C ILE B 363 41.87 13.28 17.03
N ASP B 364 40.68 12.83 16.61
CA ASP B 364 39.43 13.56 16.83
C ASP B 364 39.08 13.70 18.32
N ARG B 365 39.24 12.61 19.07
CA ARG B 365 38.93 12.56 20.49
C ARG B 365 39.81 13.52 21.31
N THR B 366 41.09 13.57 20.97
CA THR B 366 42.04 14.48 21.61
C THR B 366 41.72 15.93 21.24
N LYS B 367 41.38 16.16 19.99
CA LYS B 367 40.96 17.48 19.50
C LYS B 367 39.80 18.04 20.32
N ARG B 368 38.81 17.19 20.59
CA ARG B 368 37.64 17.56 21.41
C ARG B 368 38.04 17.99 22.82
N THR B 369 39.00 17.27 23.40
CA THR B 369 39.52 17.58 24.73
C THR B 369 40.29 18.91 24.74
N LEU B 370 40.99 19.20 23.66
CA LEU B 370 41.75 20.46 23.53
C LEU B 370 40.84 21.66 23.26
N ARG B 371 39.69 21.41 22.64
CA ARG B 371 38.70 22.45 22.38
C ARG B 371 37.95 22.87 23.65
N LYS B 372 37.55 21.87 24.44
CA LYS B 372 36.83 22.09 25.70
C LYS B 372 37.68 22.91 26.69
N ARG B 373 38.99 22.85 26.49
CA ARG B 373 39.95 23.63 27.29
C ARG B 373 39.85 25.13 26.98
N MET B 374 39.18 25.47 25.88
CA MET B 374 38.95 26.86 25.48
C MET B 374 37.47 27.21 25.56
FE1 SF4 C . -13.37 14.28 -14.13
FE2 SF4 C . -11.86 13.46 -16.34
FE3 SF4 C . -14.27 14.79 -16.56
FE4 SF4 C . -11.86 15.93 -15.72
S1 SF4 C . -12.25 15.02 -17.81
S2 SF4 C . -14.06 16.27 -14.78
S3 SF4 C . -11.03 14.38 -14.44
S4 SF4 C . -14.11 12.78 -15.73
FE1 SF4 D . 31.09 -12.59 5.52
FE2 SF4 D . 31.43 -13.32 2.90
FE3 SF4 D . 29.08 -12.14 3.84
FE4 SF4 D . 31.42 -10.80 3.55
S1 SF4 D . 30.21 -11.79 1.87
S2 SF4 D . 29.93 -10.68 5.40
S3 SF4 D . 33.02 -12.21 4.16
S4 SF4 D . 29.87 -14.20 4.43
C1 MRD E . 4.91 -22.75 -6.36
C2 MRD E . 4.73 -21.25 -6.11
O2 MRD E . 5.02 -20.53 -7.33
CM MRD E . 3.27 -20.98 -5.74
C3 MRD E . 5.64 -20.80 -4.95
C4 MRD E . 7.00 -20.21 -5.30
O4 MRD E . 6.89 -19.04 -6.08
C5 MRD E . 7.92 -21.21 -6.01
#